data_5LRK
#
_entry.id   5LRK
#
_cell.length_a   124.620
_cell.length_b   124.620
_cell.length_c   48.470
_cell.angle_alpha   90.00
_cell.angle_beta   90.00
_cell.angle_gamma   120.00
#
_symmetry.space_group_name_H-M   'P 32'
#
loop_
_entity.id
_entity.type
_entity.pdbx_description
1 polymer 'Carboxypeptidase B'
2 polymer 'Anabaenopeptin F'
3 non-polymer 'ZINC ION'
4 water water
#
loop_
_entity_poly.entity_id
_entity_poly.type
_entity_poly.pdbx_seq_one_letter_code
_entity_poly.pdbx_strand_id
1 'polypeptide(L)'
;TTGHSYEKYNNWETIEAWTKQVTSENPDLISRTAIGTTFLGNNIYLLKVGKPGPNKPAIFMDCGFHAREWISHAFCQWFV
REAVLTYGYESHMTEFLNKLDFYVLPVLNIDGYIYTWTKNRMWRKTRSTNAGTTCIGTDPNRNFDAGWCTTGASTDPCDE
TYCGSAAESEKETKALADFIRNNLSSIKAYLTIHSYSQMILYPYSYDYKLPENNAELNNLAKAAVKELATLYGTKYTYGP
GATTIYPAAGGSDDWAYDQGIKYSFTFELRDKGRYGFILPESQIQATCEETMLAIKYVTNYVLGHL
;
A,B,C
2 'polypeptide(L)' (73N)(DLY)(IIL)(73O)(MAA)F F,G,H
#
# COMPACT_ATOMS: atom_id res chain seq x y z
N GLY A 3 7.68 -38.66 -22.78
CA GLY A 3 6.48 -38.91 -21.93
C GLY A 3 6.15 -37.74 -21.02
N HIS A 4 5.14 -37.88 -20.19
CA HIS A 4 4.72 -36.80 -19.31
C HIS A 4 5.64 -36.69 -18.11
N SER A 5 6.09 -35.48 -17.84
CA SER A 5 6.77 -35.19 -16.58
C SER A 5 6.15 -33.98 -15.90
N TYR A 6 6.11 -33.99 -14.57
CA TYR A 6 5.60 -32.88 -13.79
C TYR A 6 6.66 -31.83 -13.68
N GLU A 7 7.85 -32.18 -14.15
CA GLU A 7 9.04 -31.35 -13.96
C GLU A 7 9.37 -30.64 -15.24
N LYS A 8 8.61 -30.92 -16.29
CA LYS A 8 8.81 -30.27 -17.57
C LYS A 8 7.49 -29.78 -18.14
N TYR A 9 7.58 -28.92 -19.14
CA TYR A 9 6.40 -28.43 -19.82
C TYR A 9 5.96 -29.45 -20.83
N ASN A 10 4.69 -29.83 -20.78
CA ASN A 10 4.18 -30.87 -21.66
C ASN A 10 3.28 -30.26 -22.72
N ASN A 11 3.36 -30.77 -23.94
CA ASN A 11 2.49 -30.32 -25.01
C ASN A 11 1.12 -30.87 -24.83
N TRP A 12 0.17 -30.35 -25.61
CA TRP A 12 -1.23 -30.71 -25.42
C TRP A 12 -1.48 -32.18 -25.58
N GLU A 13 -0.84 -32.82 -26.56
CA GLU A 13 -1.05 -34.25 -26.75
C GLU A 13 -0.76 -34.98 -25.48
N THR A 14 0.33 -34.57 -24.81
CA THR A 14 0.76 -35.25 -23.60
C THR A 14 -0.14 -34.93 -22.43
N ILE A 15 -0.60 -33.68 -22.34
CA ILE A 15 -1.49 -33.27 -21.28
C ILE A 15 -2.85 -33.97 -21.39
N GLU A 16 -3.35 -34.09 -22.61
CA GLU A 16 -4.62 -34.77 -22.81
C GLU A 16 -4.51 -36.24 -22.39
N ALA A 17 -3.45 -36.91 -22.82
CA ALA A 17 -3.24 -38.31 -22.46
C ALA A 17 -3.05 -38.47 -20.95
N TRP A 18 -2.40 -37.49 -20.34
CA TRP A 18 -2.23 -37.44 -18.89
C TRP A 18 -3.59 -37.33 -18.12
N THR A 19 -4.55 -36.59 -18.68
CA THR A 19 -5.84 -36.42 -17.98
C THR A 19 -6.56 -37.70 -17.92
N LYS A 20 -6.41 -38.51 -18.95
CA LYS A 20 -7.02 -39.83 -18.95
C LYS A 20 -6.27 -40.78 -18.03
N GLN A 21 -4.95 -40.74 -18.08
CA GLN A 21 -4.13 -41.66 -17.33
C GLN A 21 -4.20 -41.45 -15.81
N VAL A 22 -4.10 -40.21 -15.37
CA VAL A 22 -4.12 -39.90 -13.94
C VAL A 22 -5.48 -40.18 -13.34
N THR A 23 -6.54 -39.98 -14.11
CA THR A 23 -7.88 -40.34 -13.68
C THR A 23 -7.98 -41.87 -13.63
N SER A 24 -7.37 -42.52 -14.63
CA SER A 24 -7.39 -43.96 -14.75
C SER A 24 -6.64 -44.65 -13.55
N GLU A 25 -5.55 -44.03 -13.11
CA GLU A 25 -4.76 -44.59 -12.02
C GLU A 25 -5.34 -44.25 -10.65
N ASN A 26 -6.20 -43.24 -10.59
CA ASN A 26 -6.77 -42.81 -9.31
C ASN A 26 -8.28 -42.57 -9.40
N PRO A 27 -9.05 -43.61 -9.76
CA PRO A 27 -10.51 -43.52 -9.92
C PRO A 27 -11.19 -43.16 -8.60
N ASP A 28 -10.50 -43.43 -7.51
CA ASP A 28 -11.05 -43.16 -6.18
C ASP A 28 -11.01 -41.66 -5.82
N LEU A 29 -10.23 -40.88 -6.56
CA LEU A 29 -9.97 -39.49 -6.17
C LEU A 29 -10.26 -38.56 -7.29
N ILE A 30 -10.44 -39.11 -8.48
CA ILE A 30 -10.56 -38.28 -9.68
C ILE A 30 -11.58 -38.82 -10.65
N SER A 31 -12.32 -37.92 -11.29
CA SER A 31 -13.16 -38.26 -12.43
C SER A 31 -13.01 -37.17 -13.45
N ARG A 32 -13.17 -37.52 -14.72
CA ARG A 32 -12.93 -36.55 -15.78
C ARG A 32 -14.14 -36.34 -16.64
N THR A 33 -14.35 -35.10 -17.06
CA THR A 33 -15.35 -34.78 -18.08
C THR A 33 -14.78 -33.73 -18.97
N ALA A 34 -15.56 -33.31 -19.96
CA ALA A 34 -15.28 -32.08 -20.69
C ALA A 34 -16.42 -31.11 -20.44
N ILE A 35 -16.13 -29.81 -20.40
CA ILE A 35 -17.16 -28.81 -20.20
C ILE A 35 -17.49 -28.10 -21.52
N GLY A 36 -16.73 -28.41 -22.55
CA GLY A 36 -17.03 -27.91 -23.88
C GLY A 36 -15.89 -28.23 -24.83
N THR A 37 -15.99 -27.72 -26.05
CA THR A 37 -14.92 -27.85 -27.02
C THR A 37 -14.42 -26.46 -27.44
N THR A 38 -13.19 -26.41 -27.96
CA THR A 38 -12.57 -25.15 -28.37
C THR A 38 -12.92 -24.87 -29.80
N PHE A 39 -12.61 -23.65 -30.24
CA PHE A 39 -12.84 -23.25 -31.62
C PHE A 39 -12.39 -24.30 -32.54
N LEU A 40 -11.25 -24.91 -32.24
CA LEU A 40 -10.67 -25.90 -33.15
C LEU A 40 -11.03 -27.34 -32.78
N GLY A 41 -12.04 -27.51 -31.92
CA GLY A 41 -12.57 -28.84 -31.69
C GLY A 41 -11.81 -29.66 -30.67
N ASN A 42 -10.91 -29.05 -29.93
CA ASN A 42 -10.27 -29.76 -28.83
C ASN A 42 -11.21 -29.79 -27.58
N ASN A 43 -10.99 -30.77 -26.72
CA ASN A 43 -11.87 -31.01 -25.57
C ASN A 43 -11.38 -30.31 -24.36
N ILE A 44 -12.22 -29.45 -23.80
CA ILE A 44 -11.84 -28.72 -22.59
C ILE A 44 -12.12 -29.62 -21.37
N TYR A 45 -11.08 -30.29 -20.89
CA TYR A 45 -11.22 -31.26 -19.83
C TYR A 45 -11.29 -30.64 -18.47
N LEU A 46 -12.06 -31.27 -17.60
CA LEU A 46 -12.18 -30.84 -16.21
C LEU A 46 -12.01 -32.05 -15.32
N LEU A 47 -11.11 -31.94 -14.36
CA LEU A 47 -10.84 -33.03 -13.43
C LEU A 47 -11.42 -32.72 -12.12
N LYS A 48 -12.34 -33.56 -11.67
CA LYS A 48 -12.98 -33.39 -10.37
C LYS A 48 -12.20 -34.16 -9.31
N VAL A 49 -11.41 -33.44 -8.52
CA VAL A 49 -10.49 -34.09 -7.59
C VAL A 49 -11.04 -34.11 -6.19
N GLY A 50 -11.17 -35.31 -5.64
CA GLY A 50 -11.80 -35.49 -4.35
C GLY A 50 -12.33 -36.90 -4.13
N LYS A 51 -12.64 -37.21 -2.87
CA LYS A 51 -13.31 -38.45 -2.53
C LYS A 51 -14.78 -38.23 -2.64
N PRO A 52 -15.43 -38.94 -3.58
CA PRO A 52 -16.83 -38.68 -3.94
C PRO A 52 -17.81 -38.81 -2.78
N GLY A 53 -18.74 -37.85 -2.70
CA GLY A 53 -19.78 -37.89 -1.69
C GLY A 53 -20.97 -37.04 -2.13
N PRO A 54 -22.13 -37.21 -1.48
CA PRO A 54 -23.29 -36.38 -1.84
C PRO A 54 -23.15 -34.93 -1.38
N ASN A 55 -23.52 -34.02 -2.27
CA ASN A 55 -23.71 -32.61 -1.90
C ASN A 55 -22.49 -32.01 -1.21
N LYS A 56 -21.33 -32.15 -1.85
CA LYS A 56 -20.11 -31.54 -1.34
C LYS A 56 -19.91 -30.19 -1.95
N PRO A 57 -19.33 -29.26 -1.19
CA PRO A 57 -18.93 -27.96 -1.74
C PRO A 57 -17.70 -28.13 -2.61
N ALA A 58 -17.41 -27.12 -3.42
CA ALA A 58 -16.32 -27.26 -4.38
C ALA A 58 -15.53 -26.02 -4.50
N ILE A 59 -14.28 -26.19 -4.91
CA ILE A 59 -13.45 -25.06 -5.29
C ILE A 59 -13.05 -25.24 -6.71
N PHE A 60 -13.22 -24.18 -7.50
CA PHE A 60 -12.91 -24.24 -8.92
C PHE A 60 -11.58 -23.58 -9.23
N MET A 61 -10.73 -24.29 -9.98
CA MET A 61 -9.44 -23.73 -10.38
C MET A 61 -9.15 -24.03 -11.82
N ASP A 62 -8.80 -23.00 -12.59
CA ASP A 62 -8.36 -23.20 -13.95
C ASP A 62 -6.99 -22.70 -14.19
N CYS A 63 -6.35 -23.27 -15.21
CA CYS A 63 -5.05 -22.83 -15.66
C CYS A 63 -5.10 -22.62 -17.18
N GLY A 64 -4.06 -21.99 -17.72
CA GLY A 64 -3.91 -21.90 -19.16
C GLY A 64 -4.87 -20.96 -19.86
N PHE A 65 -5.33 -19.93 -19.17
CA PHE A 65 -6.13 -18.91 -19.83
C PHE A 65 -5.33 -18.32 -20.97
N HIS A 66 -4.09 -17.93 -20.67
CA HIS A 66 -3.25 -17.30 -21.67
C HIS A 66 -2.20 -18.27 -22.14
N ALA A 67 -2.12 -18.41 -23.46
CA ALA A 67 -1.37 -19.50 -24.08
C ALA A 67 0.11 -19.59 -23.64
N ARG A 68 0.78 -18.45 -23.55
CA ARG A 68 2.23 -18.43 -23.41
C ARG A 68 2.70 -18.59 -21.99
N GLU A 69 1.76 -18.60 -21.05
CA GLU A 69 2.09 -18.64 -19.64
C GLU A 69 2.18 -20.05 -19.15
N TRP A 70 3.21 -20.75 -19.62
CA TRP A 70 3.31 -22.20 -19.50
C TRP A 70 3.38 -22.77 -18.06
N ILE A 71 3.88 -21.96 -17.12
CA ILE A 71 3.99 -22.41 -15.73
C ILE A 71 2.60 -22.52 -15.10
N SER A 72 1.63 -21.84 -15.71
CA SER A 72 0.25 -21.94 -15.28
C SER A 72 -0.27 -23.35 -15.53
N HIS A 73 -0.16 -23.81 -16.78
CA HIS A 73 -0.56 -25.16 -17.12
C HIS A 73 0.15 -26.13 -16.22
N ALA A 74 1.45 -25.94 -16.07
CA ALA A 74 2.27 -26.84 -15.26
C ALA A 74 1.71 -26.99 -13.88
N PHE A 75 1.31 -25.90 -13.25
CA PHE A 75 0.83 -25.96 -11.88
C PHE A 75 -0.45 -26.81 -11.67
N CYS A 76 -1.37 -26.78 -12.62
CA CYS A 76 -2.61 -27.55 -12.48
C CYS A 76 -2.34 -29.01 -12.45
N GLN A 77 -1.39 -29.44 -13.26
CA GLN A 77 -0.95 -30.83 -13.29
C GLN A 77 -0.26 -31.18 -11.98
N TRP A 78 0.56 -30.26 -11.48
CA TRP A 78 1.29 -30.49 -10.24
C TRP A 78 0.33 -30.63 -9.10
N PHE A 79 -0.64 -29.73 -9.03
CA PHE A 79 -1.67 -29.77 -7.99
C PHE A 79 -2.38 -31.11 -7.96
N VAL A 80 -2.76 -31.62 -9.12
CA VAL A 80 -3.53 -32.86 -9.17
C VAL A 80 -2.72 -34.02 -8.65
N ARG A 81 -1.43 -34.04 -8.97
CA ARG A 81 -0.56 -35.13 -8.54
C ARG A 81 -0.32 -35.08 -7.06
N GLU A 82 -0.10 -33.87 -6.55
CA GLU A 82 0.11 -33.66 -5.12
C GLU A 82 -1.10 -34.07 -4.34
N ALA A 83 -2.27 -33.88 -4.93
CA ALA A 83 -3.52 -34.24 -4.27
C ALA A 83 -3.60 -35.72 -4.13
N VAL A 84 -3.27 -36.45 -5.19
CA VAL A 84 -3.37 -37.90 -5.15
C VAL A 84 -2.20 -38.52 -4.37
N LEU A 85 -1.08 -37.80 -4.27
CA LEU A 85 0.09 -38.32 -3.57
C LEU A 85 -0.02 -38.18 -2.11
N THR A 86 -0.58 -37.07 -1.65
CA THR A 86 -0.58 -36.78 -0.23
C THR A 86 -1.86 -37.13 0.45
N TYR A 87 -2.87 -37.53 -0.32
CA TYR A 87 -4.13 -37.91 0.27
C TYR A 87 -3.97 -39.16 1.10
N GLY A 88 -4.28 -39.05 2.39
CA GLY A 88 -4.08 -40.16 3.30
C GLY A 88 -2.69 -40.18 3.90
N TYR A 89 -1.86 -39.22 3.48
CA TYR A 89 -0.50 -39.11 4.02
C TYR A 89 -0.27 -37.74 4.63
N GLU A 90 -0.98 -36.73 4.13
CA GLU A 90 -0.89 -35.39 4.70
C GLU A 90 -2.27 -34.90 5.14
N SER A 91 -2.42 -34.64 6.43
CA SER A 91 -3.72 -34.54 7.06
C SER A 91 -4.61 -33.44 6.49
N HIS A 92 -4.01 -32.34 6.05
CA HIS A 92 -4.79 -31.22 5.53
C HIS A 92 -5.39 -31.55 4.20
N MET A 93 -4.55 -31.98 3.27
CA MET A 93 -5.03 -32.36 1.94
C MET A 93 -6.05 -33.49 2.06
N THR A 94 -5.85 -34.37 3.03
CA THR A 94 -6.77 -35.49 3.25
C THR A 94 -8.14 -34.98 3.67
N GLU A 95 -8.15 -33.98 4.55
CA GLU A 95 -9.39 -33.39 5.02
C GLU A 95 -10.04 -32.62 3.90
N PHE A 96 -9.22 -32.02 3.03
CA PHE A 96 -9.74 -31.22 1.92
C PHE A 96 -10.49 -32.07 0.94
N LEU A 97 -9.88 -33.18 0.55
CA LEU A 97 -10.47 -34.04 -0.47
C LEU A 97 -11.64 -34.77 0.06
N ASN A 98 -11.69 -34.94 1.37
CA ASN A 98 -12.79 -35.64 2.02
C ASN A 98 -14.00 -34.75 2.15
N LYS A 99 -13.77 -33.46 2.33
CA LYS A 99 -14.87 -32.55 2.64
C LYS A 99 -15.35 -31.74 1.45
N LEU A 100 -14.50 -31.57 0.44
CA LEU A 100 -14.88 -30.83 -0.75
C LEU A 100 -14.22 -31.35 -1.99
N ASP A 101 -14.68 -30.87 -3.14
CA ASP A 101 -14.08 -31.23 -4.41
C ASP A 101 -13.31 -30.07 -4.97
N PHE A 102 -12.25 -30.37 -5.71
CA PHE A 102 -11.57 -29.39 -6.54
C PHE A 102 -11.94 -29.65 -7.99
N TYR A 103 -12.50 -28.65 -8.66
CA TYR A 103 -12.64 -28.72 -10.09
C TYR A 103 -11.45 -28.11 -10.67
N VAL A 104 -10.64 -28.93 -11.31
CA VAL A 104 -9.38 -28.46 -11.86
C VAL A 104 -9.45 -28.52 -13.34
N LEU A 105 -9.38 -27.36 -13.96
CA LEU A 105 -9.45 -27.26 -15.40
C LEU A 105 -8.03 -26.95 -15.89
N PRO A 106 -7.31 -27.99 -16.32
CA PRO A 106 -5.87 -27.88 -16.60
C PRO A 106 -5.48 -26.93 -17.72
N VAL A 107 -6.23 -26.91 -18.81
CA VAL A 107 -5.98 -25.94 -19.89
C VAL A 107 -7.28 -25.44 -20.49
N LEU A 108 -7.54 -24.15 -20.39
CA LEU A 108 -8.76 -23.59 -20.95
C LEU A 108 -8.57 -23.24 -22.36
N ASN A 109 -7.47 -22.56 -22.64
CA ASN A 109 -7.19 -22.05 -23.98
C ASN A 109 -6.27 -23.02 -24.71
N ILE A 110 -6.80 -24.19 -25.07
CA ILE A 110 -6.01 -25.27 -25.61
C ILE A 110 -5.44 -24.92 -26.97
N ASP A 111 -6.24 -24.24 -27.77
CA ASP A 111 -5.86 -23.89 -29.13
C ASP A 111 -4.70 -22.95 -29.15
N GLY A 112 -4.72 -21.97 -28.28
CA GLY A 112 -3.61 -21.06 -28.19
C GLY A 112 -2.38 -21.79 -27.67
N TYR A 113 -2.58 -22.70 -26.72
CA TYR A 113 -1.46 -23.41 -26.13
C TYR A 113 -0.72 -24.23 -27.20
N ILE A 114 -1.47 -24.93 -28.03
CA ILE A 114 -0.87 -25.71 -29.10
C ILE A 114 -0.04 -24.82 -29.99
N TYR A 115 -0.57 -23.64 -30.25
CA TYR A 115 0.07 -22.68 -31.15
C TYR A 115 1.42 -22.18 -30.60
N THR A 116 1.50 -22.01 -29.28
CA THR A 116 2.76 -21.62 -28.64
C THR A 116 3.81 -22.68 -28.80
N TRP A 117 3.37 -23.92 -28.97
CA TRP A 117 4.27 -25.03 -29.21
C TRP A 117 4.64 -25.18 -30.70
N THR A 118 3.72 -24.84 -31.59
CA THR A 118 3.88 -25.14 -33.00
C THR A 118 4.38 -23.97 -33.84
N LYS A 119 4.03 -22.75 -33.45
CA LYS A 119 4.29 -21.60 -34.31
C LYS A 119 4.87 -20.42 -33.61
N ASN A 120 4.29 -20.04 -32.48
CA ASN A 120 4.61 -18.77 -31.86
C ASN A 120 4.52 -18.86 -30.36
N ARG A 121 5.69 -18.89 -29.72
CA ARG A 121 5.79 -19.14 -28.29
C ARG A 121 5.17 -18.04 -27.49
N MET A 122 5.05 -16.86 -28.09
CA MET A 122 4.53 -15.71 -27.35
C MET A 122 3.04 -15.41 -27.62
N TRP A 123 2.35 -16.35 -28.26
CA TRP A 123 0.92 -16.20 -28.48
C TRP A 123 0.18 -16.17 -27.11
N ARG A 124 -0.92 -15.41 -27.05
CA ARG A 124 -1.66 -15.21 -25.79
C ARG A 124 -3.10 -15.60 -25.89
N LYS A 125 -3.72 -15.26 -27.02
CA LYS A 125 -5.17 -15.34 -27.17
C LYS A 125 -5.64 -16.71 -27.60
N THR A 126 -6.95 -16.85 -27.78
CA THR A 126 -7.52 -18.02 -28.45
C THR A 126 -7.11 -17.96 -29.89
N ARG A 127 -7.58 -18.90 -30.70
CA ARG A 127 -7.20 -18.96 -32.11
C ARG A 127 -8.40 -18.85 -33.07
N SER A 128 -9.46 -18.19 -32.63
CA SER A 128 -10.66 -18.05 -33.46
C SER A 128 -10.50 -16.95 -34.53
N THR A 129 -11.25 -17.08 -35.62
CA THR A 129 -11.21 -16.07 -36.68
C THR A 129 -12.12 -14.92 -36.34
N ASN A 130 -11.88 -13.79 -37.00
CA ASN A 130 -12.64 -12.59 -36.74
C ASN A 130 -13.19 -12.02 -38.05
N ALA A 131 -14.41 -11.50 -38.00
CA ALA A 131 -15.02 -10.88 -39.19
C ALA A 131 -14.21 -9.65 -39.60
N GLY A 132 -14.02 -9.49 -40.91
CA GLY A 132 -13.40 -8.27 -41.42
C GLY A 132 -11.89 -8.10 -41.25
N THR A 133 -11.20 -9.14 -40.79
CA THR A 133 -9.75 -9.08 -40.65
C THR A 133 -9.16 -10.46 -40.61
N THR A 134 -7.87 -10.55 -40.88
CA THR A 134 -7.15 -11.81 -40.80
C THR A 134 -6.63 -12.04 -39.41
N CYS A 135 -6.57 -10.98 -38.62
CA CYS A 135 -6.07 -11.09 -37.26
C CYS A 135 -6.84 -12.15 -36.47
N ILE A 136 -6.11 -12.90 -35.65
CA ILE A 136 -6.67 -14.08 -34.99
C ILE A 136 -6.77 -13.90 -33.49
N GLY A 137 -7.87 -14.36 -32.93
CA GLY A 137 -7.93 -14.64 -31.50
C GLY A 137 -8.56 -13.58 -30.63
N THR A 138 -9.18 -14.03 -29.55
CA THR A 138 -9.71 -13.14 -28.53
C THR A 138 -8.96 -13.40 -27.23
N ASP A 139 -8.72 -12.36 -26.44
CA ASP A 139 -8.22 -12.56 -25.09
C ASP A 139 -9.34 -13.12 -24.26
N PRO A 140 -9.20 -14.39 -23.85
CA PRO A 140 -10.29 -15.00 -23.08
C PRO A 140 -10.58 -14.24 -21.80
N ASN A 141 -9.57 -13.58 -21.24
CA ASN A 141 -9.77 -12.87 -19.99
C ASN A 141 -10.17 -11.47 -20.20
N ARG A 142 -10.69 -11.17 -21.38
CA ARG A 142 -11.38 -9.91 -21.65
C ARG A 142 -12.78 -10.22 -22.20
N ASN A 143 -13.16 -11.49 -22.22
CA ASN A 143 -14.36 -11.94 -22.95
C ASN A 143 -15.51 -12.33 -22.02
N PHE A 144 -15.34 -12.11 -20.71
CA PHE A 144 -16.41 -12.43 -19.78
C PHE A 144 -17.29 -11.25 -19.50
N ASP A 145 -18.54 -11.52 -19.15
CA ASP A 145 -19.54 -10.46 -19.05
C ASP A 145 -19.39 -9.74 -17.74
N ALA A 146 -18.30 -8.98 -17.64
CA ALA A 146 -18.04 -8.15 -16.46
C ALA A 146 -17.53 -6.80 -16.94
N GLY A 147 -18.42 -5.80 -16.91
CA GLY A 147 -18.11 -4.53 -17.53
C GLY A 147 -17.55 -4.69 -18.93
N TRP A 148 -17.95 -5.76 -19.61
CA TRP A 148 -17.23 -6.22 -20.80
C TRP A 148 -16.81 -5.11 -21.80
N CYS A 149 -15.52 -5.12 -22.15
CA CYS A 149 -14.89 -4.20 -23.10
C CYS A 149 -14.97 -2.71 -22.80
N THR A 150 -15.13 -2.36 -21.53
CA THR A 150 -15.28 -0.95 -21.16
C THR A 150 -13.97 -0.28 -20.81
N THR A 151 -12.95 -1.07 -20.46
CA THR A 151 -11.66 -0.51 -20.10
C THR A 151 -10.57 -1.56 -20.13
N GLY A 152 -9.35 -1.14 -20.44
CA GLY A 152 -8.20 -2.04 -20.42
C GLY A 152 -8.33 -3.17 -21.41
N ALA A 153 -9.24 -3.03 -22.37
CA ALA A 153 -9.41 -4.01 -23.43
C ALA A 153 -9.42 -3.31 -24.74
N SER A 154 -9.24 -4.05 -25.82
CA SER A 154 -9.19 -3.47 -27.15
C SER A 154 -10.35 -3.95 -28.02
N THR A 155 -10.83 -3.08 -28.91
CA THR A 155 -11.86 -3.47 -29.86
C THR A 155 -11.23 -3.83 -31.17
N ASP A 156 -9.90 -3.88 -31.16
CA ASP A 156 -9.15 -4.24 -32.35
C ASP A 156 -8.75 -5.70 -32.23
N PRO A 157 -9.21 -6.54 -33.17
CA PRO A 157 -8.93 -7.98 -33.17
C PRO A 157 -7.44 -8.28 -33.26
N CYS A 158 -6.66 -7.27 -33.66
CA CYS A 158 -5.23 -7.47 -33.86
C CYS A 158 -4.44 -7.23 -32.62
N ASP A 159 -5.13 -6.80 -31.56
CA ASP A 159 -4.49 -6.55 -30.28
C ASP A 159 -4.61 -7.74 -29.36
N GLU A 160 -3.61 -7.90 -28.48
CA GLU A 160 -3.56 -9.09 -27.62
C GLU A 160 -4.51 -9.01 -26.43
N THR A 161 -5.13 -7.84 -26.22
CA THR A 161 -6.26 -7.75 -25.30
C THR A 161 -7.62 -7.56 -26.03
N TYR A 162 -7.74 -8.05 -27.26
CA TYR A 162 -9.02 -7.98 -27.96
C TYR A 162 -10.09 -8.63 -27.11
N CYS A 163 -11.23 -7.97 -27.00
CA CYS A 163 -12.24 -8.38 -26.05
C CYS A 163 -13.33 -9.31 -26.68
N GLY A 164 -13.24 -9.55 -27.99
CA GLY A 164 -14.20 -10.43 -28.64
C GLY A 164 -15.33 -9.67 -29.31
N SER A 165 -16.14 -10.34 -30.12
CA SER A 165 -17.24 -9.66 -30.81
C SER A 165 -18.37 -9.34 -29.83
N ALA A 166 -18.45 -10.14 -28.76
CA ALA A 166 -19.42 -9.93 -27.69
C ALA A 166 -18.95 -10.72 -26.49
N ALA A 167 -19.56 -10.51 -25.33
CA ALA A 167 -19.17 -11.28 -24.16
C ALA A 167 -19.47 -12.76 -24.41
N GLU A 168 -18.53 -13.62 -24.03
CA GLU A 168 -18.68 -15.06 -24.19
C GLU A 168 -18.83 -15.47 -25.68
N SER A 169 -18.35 -14.62 -26.57
CA SER A 169 -18.36 -14.95 -27.99
C SER A 169 -17.51 -16.16 -28.24
N GLU A 170 -16.57 -16.42 -27.35
CA GLU A 170 -15.66 -17.56 -27.51
C GLU A 170 -16.24 -18.83 -26.93
N LYS A 171 -16.04 -19.95 -27.62
CA LYS A 171 -16.54 -21.23 -27.15
C LYS A 171 -15.96 -21.58 -25.79
N GLU A 172 -14.67 -21.29 -25.61
CA GLU A 172 -13.99 -21.66 -24.38
C GLU A 172 -14.53 -20.90 -23.19
N THR A 173 -14.77 -19.60 -23.36
CA THR A 173 -15.24 -18.79 -22.25
C THR A 173 -16.71 -19.03 -21.96
N LYS A 174 -17.51 -19.20 -23.00
CA LYS A 174 -18.91 -19.55 -22.80
C LYS A 174 -19.02 -20.88 -22.10
N ALA A 175 -18.12 -21.80 -22.43
CA ALA A 175 -18.15 -23.11 -21.79
C ALA A 175 -17.84 -22.98 -20.32
N LEU A 176 -16.87 -22.15 -19.97
CA LEU A 176 -16.50 -21.99 -18.57
C LEU A 176 -17.63 -21.27 -17.80
N ALA A 177 -18.20 -20.23 -18.41
CA ALA A 177 -19.27 -19.47 -17.78
C ALA A 177 -20.51 -20.35 -17.58
N ASP A 178 -20.79 -21.19 -18.57
CA ASP A 178 -21.91 -22.11 -18.48
C ASP A 178 -21.73 -23.09 -17.37
N PHE A 179 -20.56 -23.69 -17.28
CA PHE A 179 -20.32 -24.66 -16.22
C PHE A 179 -20.43 -24.07 -14.84
N ILE A 180 -19.98 -22.83 -14.68
CA ILE A 180 -20.01 -22.20 -13.37
C ILE A 180 -21.41 -21.80 -12.94
N ARG A 181 -22.19 -21.25 -13.87
CA ARG A 181 -23.61 -20.99 -13.61
C ARG A 181 -24.33 -22.25 -13.19
N ASN A 182 -24.13 -23.32 -13.95
CA ASN A 182 -24.83 -24.58 -13.73
C ASN A 182 -24.42 -25.25 -12.46
N ASN A 183 -23.37 -24.76 -11.83
CA ASN A 183 -22.85 -25.38 -10.60
C ASN A 183 -22.66 -24.38 -9.52
N LEU A 184 -23.35 -23.25 -9.65
CA LEU A 184 -23.16 -22.11 -8.76
C LEU A 184 -23.32 -22.47 -7.29
N SER A 185 -24.26 -23.35 -6.97
CA SER A 185 -24.62 -23.58 -5.58
C SER A 185 -23.59 -24.39 -4.81
N SER A 186 -22.67 -25.02 -5.53
CA SER A 186 -21.64 -25.81 -4.88
C SER A 186 -20.25 -25.19 -4.97
N ILE A 187 -20.00 -24.36 -5.97
CA ILE A 187 -18.68 -23.73 -6.11
C ILE A 187 -18.52 -22.54 -5.16
N LYS A 188 -17.56 -22.65 -4.24
CA LYS A 188 -17.44 -21.68 -3.17
C LYS A 188 -16.32 -20.73 -3.36
N ALA A 189 -15.41 -21.07 -4.27
CA ALA A 189 -14.26 -20.23 -4.54
C ALA A 189 -13.80 -20.43 -5.94
N TYR A 190 -13.31 -19.36 -6.56
CA TYR A 190 -12.83 -19.41 -7.93
C TYR A 190 -11.40 -18.95 -8.01
N LEU A 191 -10.53 -19.81 -8.51
CA LEU A 191 -9.10 -19.53 -8.58
C LEU A 191 -8.59 -19.71 -10.00
N THR A 192 -7.94 -18.69 -10.53
CA THR A 192 -7.51 -18.74 -11.91
C THR A 192 -6.04 -18.43 -12.00
N ILE A 193 -5.29 -19.33 -12.59
CA ILE A 193 -3.83 -19.30 -12.48
C ILE A 193 -3.17 -18.69 -13.70
N HIS A 194 -2.39 -17.64 -13.46
CA HIS A 194 -1.68 -16.93 -14.52
C HIS A 194 -0.19 -16.79 -14.18
N SER A 195 0.60 -16.33 -15.14
CA SER A 195 1.91 -15.72 -14.88
C SER A 195 2.09 -14.57 -15.87
N TYR A 196 3.02 -13.66 -15.58
CA TYR A 196 3.85 -13.70 -14.39
C TYR A 196 3.71 -12.31 -13.71
N SER A 197 4.18 -12.17 -12.48
CA SER A 197 4.11 -10.92 -11.72
C SER A 197 4.27 -11.18 -10.23
N GLN A 198 4.00 -12.41 -9.83
CA GLN A 198 3.95 -12.78 -8.41
C GLN A 198 2.96 -11.90 -7.67
N MET A 199 1.69 -12.17 -7.92
CA MET A 199 0.59 -11.40 -7.34
C MET A 199 -0.54 -12.30 -6.96
N ILE A 200 -1.30 -11.88 -5.95
CA ILE A 200 -2.64 -12.40 -5.78
C ILE A 200 -3.60 -11.28 -5.88
N LEU A 201 -4.50 -11.37 -6.85
CA LEU A 201 -5.41 -10.28 -7.17
C LEU A 201 -6.85 -10.69 -6.94
N TYR A 202 -7.66 -9.77 -6.43
CA TYR A 202 -9.09 -10.00 -6.36
C TYR A 202 -9.82 -8.82 -6.99
N PRO A 203 -11.16 -8.91 -7.13
CA PRO A 203 -11.92 -7.84 -7.78
C PRO A 203 -11.82 -6.52 -7.02
N TYR A 204 -12.09 -5.43 -7.72
CA TYR A 204 -12.45 -5.46 -9.12
C TYR A 204 -11.35 -5.00 -10.03
N SER A 205 -11.41 -5.43 -11.29
CA SER A 205 -10.51 -4.90 -12.30
C SER A 205 -11.26 -4.10 -13.37
N TYR A 206 -12.53 -4.42 -13.59
CA TYR A 206 -13.28 -3.71 -14.63
C TYR A 206 -13.74 -2.34 -14.16
N ASP A 207 -13.56 -2.08 -12.87
CA ASP A 207 -13.87 -0.77 -12.30
C ASP A 207 -13.08 -0.55 -11.00
N TYR A 208 -12.97 0.70 -10.59
CA TYR A 208 -12.22 1.05 -9.39
C TYR A 208 -12.97 0.72 -8.09
N LYS A 209 -14.23 0.34 -8.21
CA LYS A 209 -15.02 -0.02 -7.04
C LYS A 209 -14.44 -1.23 -6.33
N LEU A 210 -14.83 -1.41 -5.07
CA LEU A 210 -14.36 -2.53 -4.27
C LEU A 210 -15.48 -3.44 -3.90
N PRO A 211 -15.20 -4.74 -3.79
CA PRO A 211 -16.17 -5.75 -3.36
C PRO A 211 -16.59 -5.57 -1.90
N GLU A 212 -17.84 -5.89 -1.58
CA GLU A 212 -18.36 -5.64 -0.24
C GLU A 212 -17.55 -6.36 0.84
N ASN A 213 -16.95 -7.50 0.48
CA ASN A 213 -16.06 -8.21 1.38
C ASN A 213 -14.62 -7.91 1.05
N ASN A 214 -14.37 -6.67 0.67
CA ASN A 214 -13.03 -6.22 0.35
C ASN A 214 -12.02 -6.50 1.47
N ALA A 215 -12.41 -6.24 2.72
CA ALA A 215 -11.48 -6.40 3.84
C ALA A 215 -11.17 -7.86 4.05
N GLU A 216 -12.18 -8.71 3.92
CA GLU A 216 -11.98 -10.14 4.05
C GLU A 216 -11.04 -10.64 2.94
N LEU A 217 -11.35 -10.31 1.70
CA LEU A 217 -10.53 -10.73 0.56
C LEU A 217 -9.08 -10.28 0.71
N ASN A 218 -8.88 -9.06 1.19
CA ASN A 218 -7.54 -8.51 1.36
C ASN A 218 -6.73 -9.21 2.47
N ASN A 219 -7.40 -9.57 3.56
CA ASN A 219 -6.71 -10.27 4.65
C ASN A 219 -6.39 -11.71 4.25
N LEU A 220 -7.28 -12.33 3.48
CA LEU A 220 -7.05 -13.70 3.03
C LEU A 220 -5.91 -13.73 2.02
N ALA A 221 -5.87 -12.74 1.14
CA ALA A 221 -4.77 -12.66 0.18
C ALA A 221 -3.48 -12.45 0.93
N LYS A 222 -3.53 -11.60 1.94
CA LYS A 222 -2.36 -11.24 2.74
C LYS A 222 -1.81 -12.47 3.41
N ALA A 223 -2.69 -13.21 4.05
CA ALA A 223 -2.30 -14.44 4.75
C ALA A 223 -1.79 -15.48 3.79
N ALA A 224 -2.33 -15.49 2.57
CA ALA A 224 -1.94 -16.48 1.57
C ALA A 224 -0.54 -16.19 1.08
N VAL A 225 -0.27 -14.91 0.80
CA VAL A 225 1.04 -14.46 0.37
C VAL A 225 2.09 -14.80 1.40
N LYS A 226 1.70 -14.78 2.67
CA LYS A 226 2.64 -15.09 3.73
C LYS A 226 2.98 -16.56 3.72
N GLU A 227 1.97 -17.41 3.64
CA GLU A 227 2.21 -18.85 3.61
C GLU A 227 3.08 -19.20 2.43
N LEU A 228 2.86 -18.52 1.31
CA LEU A 228 3.63 -18.80 0.12
C LEU A 228 5.10 -18.48 0.36
N ALA A 229 5.36 -17.38 1.06
CA ALA A 229 6.73 -16.92 1.27
C ALA A 229 7.54 -17.84 2.16
N THR A 230 6.84 -18.62 2.99
CA THR A 230 7.52 -19.43 4.01
C THR A 230 8.51 -20.39 3.41
N LEU A 231 8.26 -20.84 2.19
CA LEU A 231 9.12 -21.86 1.60
C LEU A 231 10.45 -21.32 1.10
N TYR A 232 10.41 -20.37 0.18
CA TYR A 232 11.63 -19.90 -0.46
C TYR A 232 11.77 -18.43 -0.39
N GLY A 233 10.87 -17.79 0.34
CA GLY A 233 10.96 -16.35 0.51
C GLY A 233 10.52 -15.57 -0.72
N THR A 234 9.91 -16.27 -1.67
CA THR A 234 9.38 -15.61 -2.86
C THR A 234 8.35 -14.58 -2.46
N LYS A 235 8.51 -13.36 -2.93
CA LYS A 235 7.66 -12.25 -2.51
C LYS A 235 6.55 -11.95 -3.48
N TYR A 236 5.32 -12.05 -2.97
CA TYR A 236 4.12 -11.71 -3.74
C TYR A 236 3.57 -10.44 -3.27
N THR A 237 2.83 -9.77 -4.14
CA THR A 237 2.09 -8.58 -3.75
C THR A 237 0.61 -8.90 -3.96
N TYR A 238 -0.29 -8.08 -3.41
CA TYR A 238 -1.71 -8.41 -3.42
C TYR A 238 -2.61 -7.21 -3.44
N GLY A 239 -3.85 -7.41 -3.89
CA GLY A 239 -4.84 -6.35 -3.85
C GLY A 239 -5.88 -6.40 -4.96
N PRO A 240 -6.75 -5.39 -5.04
CA PRO A 240 -7.73 -5.28 -6.12
C PRO A 240 -7.02 -5.15 -7.46
N GLY A 241 -7.49 -5.90 -8.46
CA GLY A 241 -6.83 -5.89 -9.76
C GLY A 241 -6.62 -4.49 -10.30
N ALA A 242 -7.66 -3.66 -10.24
CA ALA A 242 -7.64 -2.34 -10.85
C ALA A 242 -6.46 -1.47 -10.40
N THR A 243 -6.22 -1.42 -9.10
CA THR A 243 -5.15 -0.61 -8.55
C THR A 243 -3.85 -1.38 -8.34
N THR A 244 -3.92 -2.71 -8.38
CA THR A 244 -2.73 -3.52 -8.09
C THR A 244 -1.89 -3.79 -9.32
N ILE A 245 -2.51 -3.84 -10.49
CA ILE A 245 -1.75 -4.04 -11.73
C ILE A 245 -2.26 -3.12 -12.83
N TYR A 246 -3.55 -3.19 -13.13
CA TYR A 246 -4.18 -2.24 -14.04
C TYR A 246 -5.66 -2.53 -14.18
N PRO A 247 -6.42 -1.51 -14.61
CA PRO A 247 -7.83 -1.66 -14.99
C PRO A 247 -8.00 -2.60 -16.18
N ALA A 248 -8.88 -3.59 -16.06
CA ALA A 248 -9.18 -4.46 -17.20
C ALA A 248 -10.53 -5.10 -17.04
N ALA A 249 -11.37 -4.91 -18.05
CA ALA A 249 -12.73 -5.42 -18.01
C ALA A 249 -12.83 -6.81 -18.60
N GLY A 250 -13.93 -7.49 -18.32
CA GLY A 250 -14.20 -8.79 -18.94
C GLY A 250 -13.44 -9.98 -18.38
N GLY A 251 -12.79 -9.81 -17.22
CA GLY A 251 -12.06 -10.93 -16.62
C GLY A 251 -12.96 -11.93 -15.91
N SER A 252 -12.49 -13.18 -15.82
CA SER A 252 -13.30 -14.24 -15.25
C SER A 252 -13.39 -14.17 -13.71
N ASP A 253 -12.37 -13.62 -13.07
CA ASP A 253 -12.41 -13.50 -11.62
C ASP A 253 -13.50 -12.54 -11.18
N ASP A 254 -13.52 -11.36 -11.79
CA ASP A 254 -14.59 -10.39 -11.53
C ASP A 254 -15.93 -10.99 -11.83
N TRP A 255 -16.05 -11.66 -12.98
CA TRP A 255 -17.33 -12.24 -13.37
C TRP A 255 -17.81 -13.27 -12.37
N ALA A 256 -16.90 -14.11 -11.91
CA ALA A 256 -17.25 -15.18 -10.99
C ALA A 256 -17.74 -14.56 -9.69
N TYR A 257 -17.07 -13.50 -9.26
CA TYR A 257 -17.43 -12.84 -8.03
C TYR A 257 -18.80 -12.26 -8.09
N ASP A 258 -19.15 -11.67 -9.24
CA ASP A 258 -20.46 -11.05 -9.40
C ASP A 258 -21.57 -12.08 -9.56
N GLN A 259 -21.20 -13.33 -9.81
CA GLN A 259 -22.18 -14.42 -9.81
C GLN A 259 -22.53 -14.82 -8.37
N GLY A 260 -21.70 -14.38 -7.42
CA GLY A 260 -21.97 -14.64 -6.01
C GLY A 260 -20.94 -15.52 -5.32
N ILE A 261 -19.88 -15.87 -6.05
CA ILE A 261 -18.75 -16.59 -5.49
C ILE A 261 -17.86 -15.60 -4.76
N LYS A 262 -17.84 -15.66 -3.42
CA LYS A 262 -17.27 -14.57 -2.63
C LYS A 262 -15.79 -14.57 -2.61
N TYR A 263 -15.19 -15.72 -2.87
CA TYR A 263 -13.74 -15.84 -2.87
C TYR A 263 -13.21 -16.05 -4.28
N SER A 264 -12.68 -14.98 -4.87
CA SER A 264 -12.26 -15.02 -6.25
C SER A 264 -10.91 -14.39 -6.41
N PHE A 265 -9.96 -15.15 -6.92
CA PHE A 265 -8.58 -14.71 -7.01
C PHE A 265 -7.96 -15.07 -8.33
N THR A 266 -7.26 -14.11 -8.92
CA THR A 266 -6.29 -14.40 -9.98
C THR A 266 -4.90 -14.60 -9.33
N PHE A 267 -4.24 -15.70 -9.67
CA PHE A 267 -2.86 -15.91 -9.25
C PHE A 267 -1.89 -15.67 -10.36
N GLU A 268 -0.98 -14.73 -10.15
CA GLU A 268 0.15 -14.52 -11.05
C GLU A 268 1.41 -15.11 -10.42
N LEU A 269 1.93 -16.16 -11.02
CA LEU A 269 3.07 -16.88 -10.45
C LEU A 269 4.40 -16.25 -10.87
N ARG A 270 5.49 -16.98 -10.66
CA ARG A 270 6.83 -16.53 -11.03
C ARG A 270 6.95 -16.25 -12.53
N ASP A 271 7.80 -15.29 -12.89
CA ASP A 271 8.58 -14.54 -11.91
C ASP A 271 8.20 -13.08 -11.97
N LYS A 272 9.19 -12.19 -11.92
CA LYS A 272 8.93 -10.76 -11.96
C LYS A 272 9.53 -10.11 -13.19
N GLY A 273 10.18 -10.91 -14.03
CA GLY A 273 10.59 -10.41 -15.33
C GLY A 273 11.90 -10.96 -15.86
N ARG A 274 12.74 -11.51 -14.99
CA ARG A 274 14.03 -12.02 -15.44
C ARG A 274 13.85 -12.96 -16.57
N TYR A 275 12.94 -13.92 -16.41
CA TYR A 275 12.62 -14.83 -17.51
C TYR A 275 11.22 -14.61 -18.04
N GLY A 276 10.34 -14.10 -17.20
CA GLY A 276 8.98 -13.83 -17.64
C GLY A 276 8.19 -15.08 -18.01
N PHE A 277 7.67 -15.12 -19.23
CA PHE A 277 6.85 -16.23 -19.69
C PHE A 277 7.63 -17.48 -19.90
N ILE A 278 8.92 -17.33 -20.19
CA ILE A 278 9.76 -18.47 -20.50
C ILE A 278 10.50 -18.92 -19.24
N LEU A 279 9.75 -19.14 -18.16
CA LEU A 279 10.36 -19.59 -16.92
C LEU A 279 11.08 -20.91 -17.21
N PRO A 280 12.33 -21.03 -16.76
CA PRO A 280 13.06 -22.29 -16.99
C PRO A 280 12.42 -23.46 -16.25
N GLU A 281 12.40 -24.62 -16.89
CA GLU A 281 11.81 -25.82 -16.29
C GLU A 281 12.41 -26.17 -14.90
N SER A 282 13.64 -25.72 -14.65
CA SER A 282 14.32 -26.00 -13.40
C SER A 282 13.64 -25.27 -12.27
N GLN A 283 12.70 -24.41 -12.63
CA GLN A 283 12.02 -23.57 -11.65
C GLN A 283 10.60 -24.04 -11.40
N ILE A 284 10.19 -25.07 -12.12
CA ILE A 284 8.81 -25.56 -12.02
C ILE A 284 8.48 -26.06 -10.66
N GLN A 285 9.30 -26.98 -10.14
CA GLN A 285 9.03 -27.60 -8.85
C GLN A 285 8.92 -26.60 -7.74
N ALA A 286 9.89 -25.69 -7.66
CA ALA A 286 9.91 -24.69 -6.59
C ALA A 286 8.68 -23.76 -6.67
N THR A 287 8.38 -23.30 -7.87
CA THR A 287 7.22 -22.45 -8.10
C THR A 287 5.95 -23.13 -7.63
N CYS A 288 5.77 -24.38 -8.06
CA CYS A 288 4.55 -25.12 -7.75
C CYS A 288 4.42 -25.43 -6.28
N GLU A 289 5.51 -25.90 -5.65
CA GLU A 289 5.50 -26.20 -4.23
C GLU A 289 5.03 -25.01 -3.39
N GLU A 290 5.64 -23.84 -3.62
CA GLU A 290 5.28 -22.67 -2.85
C GLU A 290 3.88 -22.19 -3.16
N THR A 291 3.42 -22.43 -4.38
CA THR A 291 2.06 -22.04 -4.75
C THR A 291 1.03 -22.92 -4.06
N MET A 292 1.37 -24.19 -3.91
CA MET A 292 0.52 -25.14 -3.19
C MET A 292 0.13 -24.62 -1.83
N LEU A 293 1.09 -24.03 -1.12
CA LEU A 293 0.85 -23.54 0.23
C LEU A 293 -0.20 -22.44 0.22
N ALA A 294 -0.14 -21.56 -0.76
CA ALA A 294 -1.14 -20.51 -0.88
C ALA A 294 -2.51 -21.11 -1.20
N ILE A 295 -2.55 -22.04 -2.14
CA ILE A 295 -3.80 -22.67 -2.56
C ILE A 295 -4.45 -23.42 -1.42
N LYS A 296 -3.62 -24.13 -0.64
CA LYS A 296 -4.11 -24.92 0.47
C LYS A 296 -4.57 -24.06 1.62
N TYR A 297 -3.92 -22.92 1.81
CA TYR A 297 -4.35 -21.97 2.84
C TYR A 297 -5.73 -21.44 2.52
N VAL A 298 -5.94 -21.01 1.27
CA VAL A 298 -7.26 -20.55 0.84
C VAL A 298 -8.31 -21.64 0.99
N THR A 299 -7.99 -22.84 0.54
CA THR A 299 -8.93 -23.96 0.65
C THR A 299 -9.36 -24.13 2.10
N ASN A 300 -8.38 -24.18 3.00
CA ASN A 300 -8.66 -24.32 4.43
C ASN A 300 -9.60 -23.19 4.92
N TYR A 301 -9.32 -21.97 4.53
CA TYR A 301 -10.14 -20.82 4.91
C TYR A 301 -11.57 -20.97 4.41
N VAL A 302 -11.71 -21.29 3.12
CA VAL A 302 -13.03 -21.47 2.52
C VAL A 302 -13.81 -22.54 3.28
N LEU A 303 -13.10 -23.56 3.73
CA LEU A 303 -13.71 -24.71 4.39
C LEU A 303 -14.31 -24.32 5.73
N GLY A 304 -13.69 -23.36 6.39
CA GLY A 304 -14.19 -22.93 7.69
C GLY A 304 -15.08 -21.72 7.58
N HIS A 305 -15.46 -21.38 6.35
CA HIS A 305 -16.39 -20.27 6.11
C HIS A 305 -17.48 -20.65 5.16
N LEU A 306 -17.93 -21.90 5.25
CA LEU A 306 -19.05 -22.36 4.42
C LEU A 306 -20.36 -21.86 4.98
N GLY B 3 -0.98 17.86 9.96
CA GLY B 3 -2.23 17.32 9.35
C GLY B 3 -2.21 17.34 7.82
N HIS B 4 -1.05 17.08 7.24
CA HIS B 4 -0.95 17.07 5.78
C HIS B 4 -1.78 15.95 5.17
N SER B 5 -2.40 16.24 4.03
CA SER B 5 -3.06 15.21 3.24
C SER B 5 -2.89 15.44 1.74
N TYR B 6 -2.50 14.40 1.01
CA TYR B 6 -2.32 14.50 -0.43
C TYR B 6 -3.65 14.59 -1.13
N GLU B 7 -4.72 14.44 -0.35
CA GLU B 7 -6.06 14.40 -0.91
C GLU B 7 -6.92 15.55 -0.39
N LYS B 8 -6.29 16.50 0.27
CA LYS B 8 -6.94 17.77 0.62
C LYS B 8 -6.02 18.89 0.32
N TYR B 9 -6.54 20.11 0.39
CA TYR B 9 -5.72 21.29 0.16
C TYR B 9 -5.10 21.71 1.47
N ASN B 10 -3.79 21.89 1.47
CA ASN B 10 -3.05 22.17 2.70
C ASN B 10 -2.65 23.64 2.77
N ASN B 11 -2.77 24.24 3.96
CA ASN B 11 -2.34 25.63 4.14
C ASN B 11 -0.83 25.69 4.10
N TRP B 12 -0.28 26.90 4.05
CA TRP B 12 1.16 27.05 3.88
C TRP B 12 1.96 26.45 5.01
N GLU B 13 1.50 26.62 6.23
CA GLU B 13 2.18 26.07 7.38
C GLU B 13 2.39 24.56 7.20
N THR B 14 1.35 23.88 6.75
CA THR B 14 1.38 22.44 6.57
C THR B 14 2.31 22.06 5.43
N ILE B 15 2.23 22.79 4.32
CA ILE B 15 3.07 22.51 3.17
C ILE B 15 4.55 22.73 3.50
N GLU B 16 4.83 23.82 4.22
CA GLU B 16 6.20 24.09 4.65
C GLU B 16 6.75 22.93 5.48
N ALA B 17 5.98 22.49 6.46
CA ALA B 17 6.37 21.37 7.31
C ALA B 17 6.58 20.15 6.45
N TRP B 18 5.70 19.99 5.47
CA TRP B 18 5.76 18.82 4.59
C TRP B 18 7.01 18.81 3.75
N THR B 19 7.54 19.97 3.39
CA THR B 19 8.76 20.02 2.60
C THR B 19 9.91 19.46 3.42
N LYS B 20 9.96 19.81 4.71
CA LYS B 20 11.03 19.32 5.57
C LYS B 20 10.85 17.85 5.86
N GLN B 21 9.62 17.47 6.19
CA GLN B 21 9.32 16.10 6.56
C GLN B 21 9.64 15.11 5.43
N VAL B 22 9.08 15.34 4.25
CA VAL B 22 9.25 14.43 3.12
C VAL B 22 10.71 14.34 2.69
N THR B 23 11.46 15.40 2.95
CA THR B 23 12.89 15.40 2.65
C THR B 23 13.63 14.47 3.60
N SER B 24 13.23 14.47 4.86
CA SER B 24 13.94 13.69 5.87
C SER B 24 13.57 12.26 5.80
N GLU B 25 12.43 11.99 5.19
CA GLU B 25 11.94 10.62 5.07
C GLU B 25 12.48 9.97 3.86
N ASN B 26 13.06 10.78 2.96
CA ASN B 26 13.57 10.26 1.70
C ASN B 26 14.88 10.90 1.35
N PRO B 27 15.89 10.70 2.21
CA PRO B 27 17.22 11.30 2.09
C PRO B 27 17.93 10.93 0.79
N ASP B 28 17.62 9.75 0.26
CA ASP B 28 18.31 9.26 -0.92
C ASP B 28 17.64 9.70 -2.23
N LEU B 29 16.51 10.40 -2.12
CA LEU B 29 15.79 10.84 -3.31
C LEU B 29 15.45 12.32 -3.32
N ILE B 30 15.48 12.96 -2.16
CA ILE B 30 15.12 14.38 -2.07
C ILE B 30 16.10 15.18 -1.25
N SER B 31 16.48 16.33 -1.79
CA SER B 31 17.09 17.37 -0.98
C SER B 31 16.32 18.65 -1.18
N ARG B 32 16.47 19.58 -0.25
CA ARG B 32 15.66 20.79 -0.25
C ARG B 32 16.51 22.03 -0.03
N THR B 33 16.19 23.11 -0.74
CA THR B 33 16.80 24.41 -0.50
C THR B 33 15.76 25.44 -0.61
N ALA B 34 16.14 26.69 -0.34
CA ALA B 34 15.32 27.83 -0.73
C ALA B 34 16.04 28.57 -1.78
N ILE B 35 15.29 29.12 -2.73
CA ILE B 35 15.89 29.89 -3.81
C ILE B 35 15.71 31.36 -3.59
N GLY B 36 14.96 31.69 -2.54
CA GLY B 36 14.75 33.08 -2.20
C GLY B 36 13.65 33.26 -1.16
N THR B 37 13.39 34.50 -0.79
CA THR B 37 12.32 34.83 0.14
C THR B 37 11.27 35.70 -0.54
N THR B 38 10.05 35.68 -0.01
CA THR B 38 8.93 36.42 -0.61
C THR B 38 8.91 37.82 -0.07
N PHE B 39 8.01 38.65 -0.61
CA PHE B 39 7.85 40.02 -0.12
C PHE B 39 7.66 40.01 1.39
N LEU B 40 6.96 39.00 1.90
CA LEU B 40 6.61 38.97 3.32
C LEU B 40 7.53 38.06 4.13
N GLY B 41 8.59 37.60 3.49
CA GLY B 41 9.64 36.91 4.23
C GLY B 41 9.51 35.40 4.31
N ASN B 42 8.63 34.83 3.49
CA ASN B 42 8.48 33.37 3.46
C ASN B 42 9.58 32.70 2.54
N ASN B 43 9.99 31.48 2.90
CA ASN B 43 11.07 30.80 2.20
C ASN B 43 10.53 30.06 1.01
N ILE B 44 11.04 30.40 -0.17
CA ILE B 44 10.58 29.76 -1.38
C ILE B 44 11.33 28.45 -1.56
N TYR B 45 10.72 27.36 -1.13
CA TYR B 45 11.41 26.06 -1.13
C TYR B 45 11.40 25.45 -2.48
N LEU B 46 12.55 24.85 -2.82
CA LEU B 46 12.68 24.01 -3.99
C LEU B 46 13.16 22.61 -3.57
N LEU B 47 12.48 21.58 -4.05
CA LEU B 47 12.88 20.20 -3.77
C LEU B 47 13.60 19.63 -4.97
N LYS B 48 14.71 18.95 -4.72
CA LYS B 48 15.47 18.29 -5.78
C LYS B 48 15.21 16.82 -5.73
N VAL B 49 14.36 16.34 -6.62
CA VAL B 49 13.94 14.94 -6.57
C VAL B 49 14.72 14.09 -7.57
N GLY B 50 15.35 13.03 -7.08
CA GLY B 50 16.16 12.19 -7.92
C GLY B 50 17.19 11.42 -7.11
N LYS B 51 17.78 10.38 -7.72
CA LYS B 51 18.94 9.71 -7.16
C LYS B 51 20.15 10.61 -7.31
N PRO B 52 20.72 11.05 -6.18
CA PRO B 52 21.78 12.06 -6.22
C PRO B 52 22.95 11.67 -7.10
N GLY B 53 23.50 12.65 -7.80
CA GLY B 53 24.61 12.38 -8.69
C GLY B 53 25.07 13.65 -9.39
N PRO B 54 26.35 13.71 -9.78
CA PRO B 54 26.96 14.88 -10.43
C PRO B 54 26.38 15.17 -11.80
N ASN B 55 26.36 16.45 -12.16
CA ASN B 55 26.07 16.89 -13.52
C ASN B 55 24.89 16.17 -14.16
N LYS B 56 23.80 16.01 -13.43
CA LYS B 56 22.60 15.42 -14.02
C LYS B 56 21.76 16.48 -14.70
N PRO B 57 21.20 16.15 -15.88
CA PRO B 57 20.24 17.06 -16.50
C PRO B 57 19.03 17.16 -15.59
N ALA B 58 18.19 18.16 -15.81
CA ALA B 58 17.09 18.40 -14.90
C ALA B 58 15.86 18.90 -15.60
N ILE B 59 14.72 18.53 -15.03
CA ILE B 59 13.43 19.10 -15.44
C ILE B 59 12.92 19.93 -14.33
N PHE B 60 12.47 21.13 -14.66
CA PHE B 60 12.03 22.09 -13.65
C PHE B 60 10.52 22.27 -13.71
N MET B 61 9.88 22.18 -12.55
CA MET B 61 8.43 22.29 -12.45
C MET B 61 8.07 23.13 -11.25
N ASP B 62 7.20 24.12 -11.45
CA ASP B 62 6.71 24.89 -10.33
C ASP B 62 5.24 24.89 -10.28
N CYS B 63 4.72 25.06 -9.06
CA CYS B 63 3.29 25.23 -8.84
C CYS B 63 3.02 26.51 -8.06
N GLY B 64 1.75 26.92 -8.02
CA GLY B 64 1.36 27.98 -7.12
C GLY B 64 1.78 29.38 -7.54
N PHE B 65 2.01 29.54 -8.84
CA PHE B 65 2.19 30.87 -9.40
C PHE B 65 1.03 31.76 -9.06
N HIS B 66 -0.18 31.27 -9.28
CA HIS B 66 -1.36 32.05 -8.98
C HIS B 66 -2.05 31.51 -7.75
N ALA B 67 -2.30 32.37 -6.77
CA ALA B 67 -2.72 31.98 -5.42
C ALA B 67 -3.94 31.07 -5.38
N ARG B 68 -5.00 31.47 -6.07
CA ARG B 68 -6.30 30.79 -5.96
C ARG B 68 -6.35 29.41 -6.67
N GLU B 69 -5.31 29.10 -7.44
CA GLU B 69 -5.31 27.87 -8.23
C GLU B 69 -4.77 26.68 -7.42
N TRP B 70 -5.53 26.34 -6.38
CA TRP B 70 -5.13 25.41 -5.33
C TRP B 70 -4.78 24.00 -5.83
N ILE B 71 -5.44 23.54 -6.89
CA ILE B 71 -5.20 22.20 -7.40
C ILE B 71 -3.75 22.10 -7.87
N SER B 72 -3.18 23.22 -8.29
CA SER B 72 -1.80 23.26 -8.77
C SER B 72 -0.83 22.99 -7.66
N HIS B 73 -1.05 23.66 -6.53
CA HIS B 73 -0.24 23.43 -5.34
C HIS B 73 -0.32 21.97 -5.00
N ALA B 74 -1.53 21.43 -5.06
CA ALA B 74 -1.77 20.03 -4.70
C ALA B 74 -0.98 19.09 -5.56
N PHE B 75 -0.89 19.38 -6.84
CA PHE B 75 -0.18 18.50 -7.77
C PHE B 75 1.31 18.33 -7.50
N CYS B 76 2.02 19.42 -7.22
CA CYS B 76 3.44 19.35 -6.94
C CYS B 76 3.69 18.44 -5.75
N GLN B 77 2.82 18.53 -4.75
CA GLN B 77 2.91 17.64 -3.60
C GLN B 77 2.66 16.22 -4.02
N TRP B 78 1.66 16.04 -4.88
CA TRP B 78 1.31 14.71 -5.36
C TRP B 78 2.45 14.11 -6.12
N PHE B 79 3.09 14.92 -6.94
CA PHE B 79 4.15 14.44 -7.80
C PHE B 79 5.29 13.86 -6.97
N VAL B 80 5.68 14.58 -5.92
CA VAL B 80 6.83 14.19 -5.13
C VAL B 80 6.62 12.87 -4.42
N ARG B 81 5.46 12.68 -3.81
CA ARG B 81 5.16 11.42 -3.14
C ARG B 81 5.18 10.29 -4.14
N GLU B 82 4.68 10.57 -5.33
CA GLU B 82 4.58 9.55 -6.38
C GLU B 82 5.98 9.15 -6.80
N ALA B 83 6.87 10.14 -6.90
CA ALA B 83 8.25 9.89 -7.26
C ALA B 83 8.92 8.92 -6.32
N VAL B 84 8.70 9.11 -5.02
CA VAL B 84 9.43 8.35 -4.02
C VAL B 84 8.76 7.04 -3.69
N LEU B 85 7.45 6.96 -3.90
CA LEU B 85 6.72 5.72 -3.70
C LEU B 85 7.00 4.72 -4.80
N THR B 86 7.15 5.20 -6.03
CA THR B 86 7.22 4.33 -7.18
C THR B 86 8.65 4.08 -7.62
N TYR B 87 9.60 4.79 -7.02
CA TYR B 87 11.00 4.60 -7.38
C TYR B 87 11.47 3.23 -6.95
N GLY B 88 12.01 2.47 -7.91
CA GLY B 88 12.39 1.09 -7.65
C GLY B 88 11.27 0.12 -7.96
N TYR B 89 10.11 0.65 -8.32
CA TYR B 89 8.92 -0.17 -8.55
C TYR B 89 8.36 -0.03 -9.94
N GLU B 90 8.27 1.22 -10.41
CA GLU B 90 7.84 1.49 -11.77
C GLU B 90 9.03 1.81 -12.60
N SER B 91 9.21 1.09 -13.70
CA SER B 91 10.47 1.13 -14.42
C SER B 91 10.79 2.52 -14.98
N HIS B 92 9.80 3.17 -15.56
CA HIS B 92 10.02 4.50 -16.16
C HIS B 92 10.43 5.54 -15.09
N MET B 93 9.65 5.62 -14.01
CA MET B 93 9.93 6.57 -12.94
C MET B 93 11.26 6.31 -12.33
N THR B 94 11.63 5.04 -12.23
CA THR B 94 12.92 4.69 -11.71
C THR B 94 13.99 5.15 -12.64
N GLU B 95 13.75 4.99 -13.93
CA GLU B 95 14.72 5.47 -14.92
C GLU B 95 14.82 6.99 -14.86
N PHE B 96 13.68 7.65 -14.67
CA PHE B 96 13.64 9.11 -14.65
C PHE B 96 14.52 9.64 -13.55
N LEU B 97 14.34 9.14 -12.34
CA LEU B 97 15.08 9.65 -11.19
C LEU B 97 16.56 9.27 -11.22
N ASN B 98 16.88 8.15 -11.85
CA ASN B 98 18.27 7.74 -12.01
C ASN B 98 19.06 8.64 -12.96
N LYS B 99 18.42 9.10 -14.04
CA LYS B 99 19.12 9.87 -15.05
C LYS B 99 18.92 11.37 -14.90
N LEU B 100 17.81 11.76 -14.28
CA LEU B 100 17.43 13.17 -14.20
C LEU B 100 17.19 13.62 -12.80
N ASP B 101 17.32 14.91 -12.58
CA ASP B 101 16.76 15.55 -11.39
C ASP B 101 15.48 16.27 -11.77
N PHE B 102 14.45 16.12 -10.94
CA PHE B 102 13.27 16.96 -11.00
C PHE B 102 13.42 18.05 -9.98
N TYR B 103 13.54 19.29 -10.43
CA TYR B 103 13.40 20.42 -9.52
C TYR B 103 11.94 20.74 -9.35
N VAL B 104 11.44 20.57 -8.13
CA VAL B 104 10.03 20.79 -7.84
C VAL B 104 9.85 21.97 -6.88
N LEU B 105 9.25 23.05 -7.40
CA LEU B 105 8.97 24.23 -6.60
C LEU B 105 7.52 24.22 -6.22
N PRO B 106 7.22 23.72 -5.02
CA PRO B 106 5.82 23.44 -4.69
C PRO B 106 4.93 24.68 -4.68
N VAL B 107 5.42 25.79 -4.15
CA VAL B 107 4.65 27.04 -4.21
C VAL B 107 5.54 28.31 -4.47
N LEU B 108 5.26 29.04 -5.56
CA LEU B 108 6.02 30.26 -5.84
C LEU B 108 5.45 31.41 -5.12
N ASN B 109 4.17 31.67 -5.36
CA ASN B 109 3.51 32.81 -4.80
C ASN B 109 2.94 32.41 -3.45
N ILE B 110 3.82 32.29 -2.47
CA ILE B 110 3.45 31.84 -1.14
C ILE B 110 2.58 32.87 -0.43
N ASP B 111 2.99 34.13 -0.51
CA ASP B 111 2.26 35.21 0.15
C ASP B 111 0.83 35.28 -0.31
N GLY B 112 0.63 35.25 -1.63
CA GLY B 112 -0.72 35.25 -2.17
C GLY B 112 -1.50 34.04 -1.70
N TYR B 113 -0.85 32.88 -1.69
CA TYR B 113 -1.52 31.64 -1.29
C TYR B 113 -2.05 31.71 0.13
N ILE B 114 -1.28 32.30 1.03
CA ILE B 114 -1.71 32.46 2.41
C ILE B 114 -2.93 33.34 2.46
N TYR B 115 -2.93 34.37 1.63
CA TYR B 115 -4.03 35.32 1.58
C TYR B 115 -5.34 34.67 1.16
N THR B 116 -5.27 33.72 0.24
CA THR B 116 -6.47 32.99 -0.18
C THR B 116 -6.97 32.12 0.91
N TRP B 117 -6.13 31.86 1.90
CA TRP B 117 -6.55 31.07 3.06
C TRP B 117 -7.10 31.92 4.15
N THR B 118 -6.56 33.12 4.31
CA THR B 118 -6.93 33.99 5.43
C THR B 118 -7.98 35.05 5.13
N LYS B 119 -8.01 35.55 3.90
CA LYS B 119 -8.77 36.77 3.60
C LYS B 119 -9.62 36.69 2.39
N ASN B 120 -9.10 36.06 1.33
CA ASN B 120 -9.76 36.16 0.04
C ASN B 120 -9.43 35.00 -0.86
N ARG B 121 -10.37 34.07 -0.97
CA ARG B 121 -10.17 32.83 -1.69
C ARG B 121 -9.85 33.05 -3.19
N MET B 122 -10.24 34.21 -3.72
CA MET B 122 -10.10 34.48 -5.15
C MET B 122 -8.95 35.37 -5.47
N TRP B 123 -8.03 35.52 -4.55
CA TRP B 123 -6.82 36.30 -4.81
C TRP B 123 -5.89 35.58 -5.84
N ARG B 124 -5.21 36.36 -6.66
CA ARG B 124 -4.40 35.82 -7.76
C ARG B 124 -2.91 36.23 -7.65
N LYS B 125 -2.68 37.50 -7.31
CA LYS B 125 -1.36 38.09 -7.41
C LYS B 125 -0.50 37.83 -6.19
N THR B 126 0.68 38.45 -6.19
CA THR B 126 1.51 38.49 -5.00
C THR B 126 0.86 39.44 -4.02
N ARG B 127 1.54 39.72 -2.91
CA ARG B 127 0.99 40.63 -1.92
C ARG B 127 1.89 41.82 -1.65
N SER B 128 2.74 42.14 -2.62
CA SER B 128 3.64 43.27 -2.51
C SER B 128 2.91 44.58 -2.68
N THR B 129 3.39 45.60 -1.97
CA THR B 129 2.82 46.95 -2.08
C THR B 129 3.23 47.62 -3.37
N ASN B 130 2.45 48.62 -3.78
CA ASN B 130 2.75 49.38 -4.99
C ASN B 130 2.77 50.86 -4.70
N ALA B 131 3.65 51.59 -5.39
CA ALA B 131 3.79 53.03 -5.15
C ALA B 131 2.55 53.82 -5.66
N GLY B 132 2.07 54.75 -4.83
CA GLY B 132 1.04 55.67 -5.28
C GLY B 132 -0.38 55.12 -5.25
N THR B 133 -0.58 54.02 -4.54
CA THR B 133 -1.91 53.43 -4.41
C THR B 133 -1.93 52.41 -3.32
N THR B 134 -3.13 52.04 -2.88
CA THR B 134 -3.27 50.98 -1.88
C THR B 134 -3.46 49.61 -2.52
N CYS B 135 -3.73 49.58 -3.82
CA CYS B 135 -3.84 48.31 -4.52
C CYS B 135 -2.58 47.47 -4.37
N ILE B 136 -2.79 46.17 -4.12
CA ILE B 136 -1.72 45.26 -3.72
C ILE B 136 -1.38 44.24 -4.77
N GLY B 137 -0.09 44.03 -4.98
CA GLY B 137 0.35 42.81 -5.61
C GLY B 137 0.56 42.88 -7.11
N THR B 138 1.44 42.00 -7.60
CA THR B 138 1.71 41.88 -9.02
C THR B 138 1.32 40.47 -9.51
N ASP B 139 0.88 40.37 -10.76
CA ASP B 139 0.73 39.06 -11.39
C ASP B 139 2.13 38.52 -11.75
N PRO B 140 2.58 37.47 -11.06
CA PRO B 140 3.90 36.92 -11.32
C PRO B 140 4.09 36.45 -12.76
N ASN B 141 3.02 35.94 -13.38
CA ASN B 141 3.09 35.51 -14.77
C ASN B 141 2.89 36.61 -15.75
N ARG B 142 3.04 37.85 -15.29
CA ARG B 142 3.17 38.99 -16.18
C ARG B 142 4.48 39.75 -15.87
N ASN B 143 5.30 39.17 -15.00
CA ASN B 143 6.43 39.88 -14.42
C ASN B 143 7.77 39.40 -14.94
N PHE B 144 7.76 38.46 -15.88
CA PHE B 144 9.00 37.93 -16.43
C PHE B 144 9.42 38.69 -17.67
N ASP B 145 10.72 38.66 -17.95
CA ASP B 145 11.28 39.51 -19.00
C ASP B 145 11.07 38.94 -20.38
N ALA B 146 9.81 38.82 -20.78
CA ALA B 146 9.49 38.30 -22.10
C ALA B 146 8.49 39.22 -22.81
N GLY B 147 8.98 40.10 -23.67
CA GLY B 147 8.13 41.12 -24.23
C GLY B 147 7.34 41.78 -23.11
N TRP B 148 8.02 42.05 -22.01
CA TRP B 148 7.37 42.41 -20.76
C TRP B 148 6.34 43.58 -20.88
N CYS B 149 5.11 43.29 -20.46
CA CYS B 149 4.01 44.27 -20.38
C CYS B 149 3.63 44.89 -21.68
N THR B 150 3.89 44.22 -22.78
CA THR B 150 3.58 44.77 -24.08
C THR B 150 2.20 44.39 -24.54
N THR B 151 1.72 43.23 -24.09
CA THR B 151 0.37 42.81 -24.43
C THR B 151 -0.25 41.90 -23.38
N GLY B 152 -1.57 41.85 -23.36
CA GLY B 152 -2.27 40.96 -22.45
C GLY B 152 -1.99 41.23 -20.98
N ALA B 153 -1.49 42.42 -20.68
CA ALA B 153 -1.19 42.77 -19.29
C ALA B 153 -1.64 44.18 -18.98
N SER B 154 -1.81 44.48 -17.69
CA SER B 154 -2.21 45.81 -17.26
C SER B 154 -1.07 46.56 -16.56
N THR B 155 -1.01 47.86 -16.82
CA THR B 155 -0.05 48.74 -16.16
C THR B 155 -0.70 49.35 -14.91
N ASP B 156 -1.95 48.97 -14.65
CA ASP B 156 -2.64 49.40 -13.45
C ASP B 156 -2.45 48.35 -12.34
N PRO B 157 -1.84 48.74 -11.21
CA PRO B 157 -1.64 47.81 -10.08
C PRO B 157 -2.92 47.33 -9.40
N CYS B 158 -4.07 47.86 -9.81
CA CYS B 158 -5.34 47.45 -9.22
C CYS B 158 -5.96 46.32 -9.98
N ASP B 159 -5.35 45.98 -11.11
CA ASP B 159 -5.86 44.92 -11.96
C ASP B 159 -5.13 43.66 -11.65
N GLU B 160 -5.73 42.53 -11.98
CA GLU B 160 -5.17 41.26 -11.57
C GLU B 160 -4.10 40.74 -12.53
N THR B 161 -3.90 41.44 -13.64
CA THR B 161 -2.80 41.12 -14.54
C THR B 161 -1.73 42.17 -14.52
N TYR B 162 -1.74 43.01 -13.48
CA TYR B 162 -0.70 44.02 -13.33
C TYR B 162 0.64 43.41 -13.57
N CYS B 163 1.46 44.07 -14.38
CA CYS B 163 2.70 43.45 -14.83
C CYS B 163 3.91 43.78 -13.94
N GLY B 164 3.70 44.62 -12.93
CA GLY B 164 4.78 44.97 -12.03
C GLY B 164 5.38 46.31 -12.39
N SER B 165 6.31 46.79 -11.56
CA SER B 165 6.95 48.09 -11.81
C SER B 165 8.03 47.93 -12.84
N ALA B 166 8.49 46.69 -13.00
CA ALA B 166 9.46 46.35 -14.04
C ALA B 166 9.55 44.86 -14.07
N ALA B 167 10.20 44.31 -15.10
CA ALA B 167 10.38 42.87 -15.14
C ALA B 167 11.19 42.45 -13.95
N GLU B 168 10.77 41.35 -13.34
CA GLU B 168 11.46 40.78 -12.18
C GLU B 168 11.47 41.70 -10.96
N SER B 169 10.58 42.70 -10.97
CA SER B 169 10.39 43.59 -9.82
C SER B 169 9.99 42.85 -8.57
N GLU B 170 9.36 41.68 -8.73
CA GLU B 170 8.93 40.90 -7.58
C GLU B 170 10.02 39.95 -7.12
N LYS B 171 10.17 39.81 -5.80
CA LYS B 171 11.21 38.96 -5.25
C LYS B 171 11.05 37.50 -5.70
N GLU B 172 9.81 37.05 -5.80
CA GLU B 172 9.53 35.66 -6.14
C GLU B 172 9.94 35.34 -7.56
N THR B 173 9.59 36.21 -8.49
CA THR B 173 9.94 35.99 -9.89
C THR B 173 11.45 36.18 -10.09
N LYS B 174 12.01 37.21 -9.46
CA LYS B 174 13.44 37.46 -9.54
C LYS B 174 14.23 36.21 -9.03
N ALA B 175 13.72 35.60 -7.97
CA ALA B 175 14.36 34.41 -7.39
C ALA B 175 14.27 33.21 -8.32
N LEU B 176 13.14 33.07 -9.00
CA LEU B 176 12.96 32.00 -9.98
C LEU B 176 13.88 32.21 -11.22
N ALA B 177 13.90 33.43 -11.76
CA ALA B 177 14.70 33.72 -12.94
C ALA B 177 16.17 33.51 -12.65
N ASP B 178 16.61 34.00 -11.50
CA ASP B 178 17.99 33.82 -11.07
C ASP B 178 18.31 32.35 -11.00
N PHE B 179 17.47 31.57 -10.33
CA PHE B 179 17.77 30.16 -10.18
C PHE B 179 17.88 29.47 -11.53
N ILE B 180 16.95 29.77 -12.43
CA ILE B 180 16.95 29.15 -13.76
C ILE B 180 18.14 29.63 -14.61
N ARG B 181 18.47 30.92 -14.53
CA ARG B 181 19.66 31.42 -15.20
C ARG B 181 20.93 30.76 -14.65
N ASN B 182 20.96 30.48 -13.35
CA ASN B 182 22.14 29.92 -12.73
C ASN B 182 22.27 28.43 -12.96
N ASN B 183 21.23 27.83 -13.54
CA ASN B 183 21.21 26.37 -13.73
C ASN B 183 20.80 26.03 -15.10
N LEU B 184 20.97 27.00 -15.99
CA LEU B 184 20.54 26.89 -17.37
C LEU B 184 21.13 25.67 -18.08
N SER B 185 22.42 25.41 -17.85
CA SER B 185 23.12 24.36 -18.60
C SER B 185 22.58 22.96 -18.31
N SER B 186 21.76 22.82 -17.26
CA SER B 186 21.29 21.50 -16.87
C SER B 186 19.79 21.33 -16.96
N ILE B 187 19.06 22.45 -16.95
CA ILE B 187 17.60 22.38 -17.04
C ILE B 187 17.15 22.22 -18.50
N LYS B 188 16.52 21.08 -18.80
CA LYS B 188 16.19 20.72 -20.16
C LYS B 188 14.71 20.93 -20.50
N ALA B 189 13.86 20.96 -19.48
CA ALA B 189 12.45 21.29 -19.69
C ALA B 189 11.92 22.15 -18.58
N TYR B 190 11.08 23.11 -18.94
CA TYR B 190 10.43 23.96 -17.95
C TYR B 190 8.93 23.70 -17.93
N LEU B 191 8.41 23.34 -16.76
CA LEU B 191 7.00 22.99 -16.63
C LEU B 191 6.36 23.77 -15.52
N THR B 192 5.35 24.56 -15.85
CA THR B 192 4.70 25.38 -14.84
C THR B 192 3.20 25.06 -14.73
N ILE B 193 2.76 24.73 -13.51
CA ILE B 193 1.45 24.14 -13.31
C ILE B 193 0.40 25.15 -12.85
N HIS B 194 -0.62 25.34 -13.67
CA HIS B 194 -1.71 26.28 -13.39
C HIS B 194 -3.06 25.55 -13.38
N SER B 195 -4.12 26.29 -13.02
CA SER B 195 -5.49 25.92 -13.34
C SER B 195 -6.27 27.23 -13.60
N TYR B 196 -7.47 27.15 -14.17
CA TYR B 196 -8.02 25.92 -14.74
C TYR B 196 -8.32 26.21 -16.22
N SER B 197 -8.46 25.15 -17.02
CA SER B 197 -8.93 25.27 -18.41
C SER B 197 -8.78 23.96 -19.12
N GLN B 198 -7.93 23.10 -18.59
CA GLN B 198 -7.61 21.82 -19.20
C GLN B 198 -6.92 22.04 -20.55
N MET B 199 -5.71 22.59 -20.47
CA MET B 199 -4.90 22.87 -21.65
C MET B 199 -3.47 22.52 -21.38
N ILE B 200 -2.73 22.21 -22.45
CA ILE B 200 -1.28 22.23 -22.40
C ILE B 200 -0.81 23.23 -23.39
N LEU B 201 -0.27 24.33 -22.89
CA LEU B 201 0.13 25.43 -23.76
C LEU B 201 1.68 25.49 -23.87
N TYR B 202 2.17 26.00 -25.00
CA TYR B 202 3.59 26.26 -25.18
C TYR B 202 3.76 27.65 -25.88
N PRO B 203 5.01 28.13 -26.00
CA PRO B 203 5.22 29.47 -26.57
C PRO B 203 4.68 29.59 -27.99
N TYR B 204 4.33 30.80 -28.41
CA TYR B 204 4.49 32.00 -27.57
C TYR B 204 3.15 32.57 -27.15
N SER B 205 3.15 33.30 -26.04
CA SER B 205 1.98 34.05 -25.63
C SER B 205 2.19 35.56 -25.75
N TYR B 206 3.43 36.02 -25.67
CA TYR B 206 3.66 37.47 -25.67
C TYR B 206 3.64 38.06 -27.06
N ASP B 207 3.70 37.20 -28.07
CA ASP B 207 3.53 37.61 -29.45
C ASP B 207 3.07 36.43 -30.27
N TYR B 208 2.57 36.69 -31.48
CA TYR B 208 2.00 35.64 -32.29
C TYR B 208 3.05 34.82 -33.02
N LYS B 209 4.31 35.26 -32.94
CA LYS B 209 5.39 34.51 -33.54
C LYS B 209 5.44 33.07 -32.97
N LEU B 210 6.01 32.14 -33.72
CA LEU B 210 6.04 30.74 -33.31
C LEU B 210 7.45 30.30 -32.98
N PRO B 211 7.60 29.39 -32.02
CA PRO B 211 8.93 28.85 -31.71
C PRO B 211 9.47 28.05 -32.89
N GLU B 212 10.80 28.01 -33.01
CA GLU B 212 11.41 27.35 -34.15
C GLU B 212 11.13 25.83 -34.17
N ASN B 213 10.94 25.24 -32.99
CA ASN B 213 10.55 23.84 -32.88
C ASN B 213 9.04 23.70 -32.61
N ASN B 214 8.28 24.56 -33.25
CA ASN B 214 6.83 24.60 -33.11
C ASN B 214 6.17 23.25 -33.38
N ALA B 215 6.60 22.59 -34.44
CA ALA B 215 5.96 21.35 -34.85
C ALA B 215 6.22 20.25 -33.87
N GLU B 216 7.42 20.24 -33.30
CA GLU B 216 7.79 19.25 -32.30
C GLU B 216 6.97 19.46 -31.06
N LEU B 217 6.86 20.72 -30.63
CA LEU B 217 6.13 21.04 -29.41
C LEU B 217 4.70 20.67 -29.53
N ASN B 218 4.14 20.86 -30.71
CA ASN B 218 2.72 20.61 -30.88
C ASN B 218 2.40 19.12 -30.78
N ASN B 219 3.18 18.29 -31.45
CA ASN B 219 2.93 16.84 -31.44
C ASN B 219 3.18 16.28 -30.07
N LEU B 220 4.18 16.81 -29.36
CA LEU B 220 4.45 16.37 -28.00
C LEU B 220 3.29 16.70 -27.08
N ALA B 221 2.79 17.93 -27.18
CA ALA B 221 1.60 18.32 -26.43
C ALA B 221 0.42 17.44 -26.81
N LYS B 222 0.23 17.26 -28.12
CA LYS B 222 -0.82 16.39 -28.66
C LYS B 222 -0.80 15.03 -28.01
N ALA B 223 0.39 14.41 -27.97
CA ALA B 223 0.52 13.07 -27.39
C ALA B 223 0.27 13.08 -25.90
N ALA B 224 0.78 14.09 -25.20
CA ALA B 224 0.62 14.16 -23.76
C ALA B 224 -0.86 14.29 -23.41
N VAL B 225 -1.56 15.10 -24.19
CA VAL B 225 -3.00 15.30 -24.01
C VAL B 225 -3.77 14.02 -24.19
N LYS B 226 -3.31 13.19 -25.11
CA LYS B 226 -3.97 11.92 -25.37
C LYS B 226 -3.67 10.93 -24.27
N GLU B 227 -2.42 10.91 -23.83
CA GLU B 227 -2.02 10.06 -22.72
C GLU B 227 -2.85 10.38 -21.45
N LEU B 228 -3.06 11.66 -21.20
CA LEU B 228 -3.79 12.08 -20.01
C LEU B 228 -5.20 11.56 -20.05
N ALA B 229 -5.79 11.57 -21.24
CA ALA B 229 -7.18 11.20 -21.43
C ALA B 229 -7.43 9.72 -21.19
N THR B 230 -6.37 8.92 -21.23
CA THR B 230 -6.55 7.47 -21.16
C THR B 230 -7.09 7.04 -19.83
N LEU B 231 -6.83 7.83 -18.80
CA LEU B 231 -7.16 7.40 -17.44
C LEU B 231 -8.62 7.55 -17.12
N TYR B 232 -9.18 8.72 -17.42
CA TYR B 232 -10.57 9.01 -17.08
C TYR B 232 -11.33 9.71 -18.20
N GLY B 233 -10.67 9.96 -19.32
CA GLY B 233 -11.33 10.58 -20.44
C GLY B 233 -11.37 12.11 -20.37
N THR B 234 -10.57 12.70 -19.51
CA THR B 234 -10.53 14.16 -19.39
C THR B 234 -9.98 14.79 -20.67
N LYS B 235 -10.69 15.77 -21.20
CA LYS B 235 -10.34 16.36 -22.50
C LYS B 235 -9.60 17.67 -22.40
N TYR B 236 -8.37 17.68 -22.89
CA TYR B 236 -7.53 18.86 -22.91
C TYR B 236 -7.45 19.40 -24.31
N THR B 237 -7.21 20.69 -24.44
CA THR B 237 -6.76 21.25 -25.70
C THR B 237 -5.34 21.73 -25.55
N TYR B 238 -4.73 22.12 -26.67
CA TYR B 238 -3.32 22.46 -26.66
C TYR B 238 -2.96 23.37 -27.84
N GLY B 239 -1.82 24.02 -27.74
CA GLY B 239 -1.34 24.86 -28.82
C GLY B 239 -0.52 26.02 -28.29
N PRO B 240 -0.11 26.94 -29.17
CA PRO B 240 0.56 28.20 -28.80
C PRO B 240 -0.33 29.00 -27.86
N GLY B 241 0.27 29.60 -26.83
CA GLY B 241 -0.50 30.37 -25.88
C GLY B 241 -1.31 31.50 -26.49
N ALA B 242 -0.71 32.27 -27.39
CA ALA B 242 -1.36 33.46 -27.90
C ALA B 242 -2.71 33.14 -28.59
N THR B 243 -2.73 32.08 -29.39
CA THR B 243 -3.94 31.73 -30.11
C THR B 243 -4.81 30.71 -29.39
N THR B 244 -4.23 29.96 -28.46
CA THR B 244 -4.99 28.94 -27.76
C THR B 244 -5.81 29.50 -26.60
N ILE B 245 -5.29 30.53 -25.92
CA ILE B 245 -6.11 31.19 -24.91
C ILE B 245 -6.17 32.68 -25.07
N TYR B 246 -5.01 33.34 -25.04
CA TYR B 246 -4.92 34.75 -25.39
C TYR B 246 -3.51 35.20 -25.38
N PRO B 247 -3.22 36.30 -26.09
CA PRO B 247 -1.91 36.96 -26.03
C PRO B 247 -1.66 37.46 -24.61
N ALA B 248 -0.44 37.29 -24.12
CA ALA B 248 -0.09 37.77 -22.80
C ALA B 248 1.41 37.74 -22.58
N ALA B 249 1.98 38.90 -22.28
CA ALA B 249 3.42 39.07 -22.16
C ALA B 249 3.91 38.80 -20.76
N GLY B 250 5.20 38.49 -20.64
CA GLY B 250 5.82 38.37 -19.34
C GLY B 250 5.60 37.06 -18.63
N GLY B 251 5.18 36.02 -19.35
CA GLY B 251 4.99 34.72 -18.72
C GLY B 251 6.29 33.94 -18.62
N SER B 252 6.41 33.08 -17.62
CA SER B 252 7.66 32.36 -17.40
C SER B 252 7.92 31.32 -18.39
N ASP B 253 6.86 30.84 -19.05
CA ASP B 253 7.07 29.78 -20.01
C ASP B 253 7.75 30.32 -21.26
N ASP B 254 7.29 31.47 -21.74
CA ASP B 254 7.96 32.14 -22.85
C ASP B 254 9.40 32.53 -22.46
N TRP B 255 9.56 33.13 -21.29
CA TRP B 255 10.89 33.54 -20.84
C TRP B 255 11.84 32.38 -20.77
N ALA B 256 11.38 31.27 -20.20
CA ALA B 256 12.24 30.09 -20.07
C ALA B 256 12.63 29.61 -21.46
N TYR B 257 11.65 29.54 -22.36
CA TYR B 257 11.93 29.13 -23.72
C TYR B 257 12.99 30.01 -24.35
N ASP B 258 12.87 31.32 -24.17
CA ASP B 258 13.83 32.27 -24.74
C ASP B 258 15.23 32.21 -24.10
N GLN B 259 15.34 31.51 -22.98
CA GLN B 259 16.65 31.30 -22.36
C GLN B 259 17.34 30.09 -22.98
N GLY B 260 16.61 29.38 -23.82
CA GLY B 260 17.19 28.23 -24.50
C GLY B 260 16.56 26.90 -24.12
N ILE B 261 15.64 26.90 -23.17
CA ILE B 261 14.97 25.68 -22.74
C ILE B 261 13.89 25.32 -23.72
N LYS B 262 14.18 24.33 -24.57
CA LYS B 262 13.39 24.08 -25.76
C LYS B 262 12.07 23.43 -25.49
N TYR B 263 11.90 22.89 -24.29
CA TYR B 263 10.62 22.32 -23.93
C TYR B 263 10.04 23.08 -22.78
N SER B 264 9.10 23.96 -23.09
CA SER B 264 8.47 24.81 -22.09
C SER B 264 6.97 24.69 -22.22
N PHE B 265 6.29 24.41 -21.12
CA PHE B 265 4.87 24.10 -21.16
C PHE B 265 4.13 24.64 -19.95
N THR B 266 3.01 25.32 -20.20
CA THR B 266 2.07 25.65 -19.14
C THR B 266 0.93 24.62 -19.08
N PHE B 267 0.77 23.98 -17.93
CA PHE B 267 -0.35 23.08 -17.71
C PHE B 267 -1.48 23.78 -17.01
N GLU B 268 -2.65 23.82 -17.65
CA GLU B 268 -3.86 24.27 -16.99
C GLU B 268 -4.70 23.07 -16.71
N LEU B 269 -4.92 22.79 -15.43
CA LEU B 269 -5.59 21.56 -15.02
C LEU B 269 -7.09 21.76 -14.94
N ARG B 270 -7.78 20.82 -14.29
CA ARG B 270 -9.24 20.88 -14.15
C ARG B 270 -9.68 22.13 -13.42
N ASP B 271 -10.90 22.56 -13.68
CA ASP B 271 -11.71 21.94 -14.73
C ASP B 271 -11.89 22.90 -15.85
N LYS B 272 -13.10 22.96 -16.40
CA LYS B 272 -13.38 23.87 -17.50
C LYS B 272 -14.40 24.94 -17.13
N GLY B 273 -14.70 25.05 -15.84
CA GLY B 273 -15.55 26.13 -15.38
C GLY B 273 -16.61 25.77 -14.36
N ARG B 274 -17.02 24.51 -14.32
CA ARG B 274 -18.10 24.11 -13.42
C ARG B 274 -17.78 24.52 -12.01
N TYR B 275 -16.62 24.10 -11.53
CA TYR B 275 -16.13 24.53 -10.22
C TYR B 275 -15.03 25.56 -10.36
N GLY B 276 -14.23 25.42 -11.42
CA GLY B 276 -13.16 26.38 -11.65
C GLY B 276 -12.07 26.34 -10.59
N PHE B 277 -11.75 27.50 -10.04
CA PHE B 277 -10.71 27.62 -9.02
C PHE B 277 -11.04 26.83 -7.78
N ILE B 278 -12.33 26.75 -7.45
CA ILE B 278 -12.74 26.07 -6.24
C ILE B 278 -12.99 24.57 -6.52
N LEU B 279 -11.97 23.88 -7.00
CA LEU B 279 -12.11 22.47 -7.37
C LEU B 279 -12.30 21.64 -6.12
N PRO B 280 -13.28 20.73 -6.13
CA PRO B 280 -13.53 19.95 -4.92
C PRO B 280 -12.42 18.96 -4.58
N GLU B 281 -12.08 18.88 -3.30
CA GLU B 281 -10.98 18.04 -2.84
C GLU B 281 -11.16 16.62 -3.25
N SER B 282 -12.41 16.24 -3.52
CA SER B 282 -12.70 14.88 -3.96
C SER B 282 -12.09 14.65 -5.35
N GLN B 283 -11.83 15.72 -6.08
CA GLN B 283 -11.25 15.58 -7.42
C GLN B 283 -9.72 15.68 -7.44
N ILE B 284 -9.11 15.92 -6.28
CA ILE B 284 -7.66 16.08 -6.22
C ILE B 284 -6.90 14.84 -6.73
N GLN B 285 -7.32 13.66 -6.29
CA GLN B 285 -6.61 12.44 -6.64
C GLN B 285 -6.70 12.13 -8.12
N ALA B 286 -7.91 12.15 -8.68
CA ALA B 286 -8.08 11.86 -10.10
C ALA B 286 -7.30 12.85 -10.94
N THR B 287 -7.40 14.12 -10.58
CA THR B 287 -6.76 15.18 -11.35
C THR B 287 -5.27 14.94 -11.44
N CYS B 288 -4.64 14.74 -10.29
CA CYS B 288 -3.20 14.53 -10.18
C CYS B 288 -2.77 13.30 -10.94
N GLU B 289 -3.56 12.23 -10.82
CA GLU B 289 -3.23 10.95 -11.44
C GLU B 289 -3.17 11.04 -12.93
N GLU B 290 -4.17 11.65 -13.54
CA GLU B 290 -4.13 11.84 -14.99
C GLU B 290 -3.02 12.80 -15.37
N THR B 291 -2.84 13.82 -14.54
CA THR B 291 -1.82 14.82 -14.80
C THR B 291 -0.41 14.17 -14.79
N MET B 292 -0.17 13.32 -13.81
CA MET B 292 1.10 12.57 -13.73
C MET B 292 1.47 11.98 -15.07
N LEU B 293 0.48 11.40 -15.74
CA LEU B 293 0.70 10.69 -16.99
C LEU B 293 1.22 11.59 -18.08
N ALA B 294 0.67 12.79 -18.18
CA ALA B 294 1.15 13.79 -19.14
C ALA B 294 2.56 14.22 -18.78
N ILE B 295 2.80 14.53 -17.50
CA ILE B 295 4.13 14.94 -17.05
C ILE B 295 5.19 13.85 -17.31
N LYS B 296 4.84 12.60 -17.06
CA LYS B 296 5.80 11.53 -17.27
C LYS B 296 5.97 11.27 -18.75
N TYR B 297 4.93 11.53 -19.52
CA TYR B 297 5.03 11.41 -20.97
C TYR B 297 6.05 12.42 -21.50
N VAL B 298 5.94 13.68 -21.06
CA VAL B 298 6.89 14.69 -21.49
C VAL B 298 8.25 14.39 -21.00
N THR B 299 8.35 14.00 -19.74
CA THR B 299 9.66 13.67 -19.17
C THR B 299 10.39 12.63 -20.01
N ASN B 300 9.67 11.56 -20.37
CA ASN B 300 10.28 10.51 -21.16
C ASN B 300 10.85 11.06 -22.46
N TYR B 301 10.06 11.87 -23.15
CA TYR B 301 10.48 12.45 -24.42
C TYR B 301 11.74 13.29 -24.27
N VAL B 302 11.79 14.10 -23.22
CA VAL B 302 12.96 14.93 -22.98
C VAL B 302 14.15 14.05 -22.67
N LEU B 303 13.91 12.98 -21.93
CA LEU B 303 14.98 12.04 -21.60
C LEU B 303 15.57 11.45 -22.89
N GLY B 304 14.70 11.19 -23.87
CA GLY B 304 15.14 10.57 -25.10
C GLY B 304 15.67 11.56 -26.14
N HIS B 305 15.77 12.83 -25.75
CA HIS B 305 16.27 13.86 -26.66
C HIS B 305 17.26 14.71 -26.05
N LEU B 306 18.11 14.14 -25.22
CA LEU B 306 19.22 14.88 -24.67
C LEU B 306 20.43 14.75 -25.59
N GLY C 3 5.77 -27.21 15.18
CA GLY C 3 6.46 -25.94 14.80
C GLY C 3 5.71 -24.70 15.24
N HIS C 4 6.21 -23.53 14.82
CA HIS C 4 5.58 -22.25 15.16
C HIS C 4 4.37 -21.97 14.31
N SER C 5 3.38 -21.31 14.90
CA SER C 5 2.21 -20.87 14.16
C SER C 5 1.69 -19.52 14.63
N TYR C 6 1.33 -18.66 13.69
CA TYR C 6 0.76 -17.36 14.01
C TYR C 6 -0.73 -17.47 14.36
N GLU C 7 -1.29 -18.65 14.15
CA GLU C 7 -2.71 -18.88 14.41
C GLU C 7 -2.90 -19.89 15.51
N LYS C 8 -1.80 -20.21 16.19
CA LYS C 8 -1.84 -21.01 17.40
C LYS C 8 -1.03 -20.36 18.51
N TYR C 9 -1.35 -20.69 19.76
CA TYR C 9 -0.50 -20.33 20.89
C TYR C 9 0.75 -21.19 20.88
N ASN C 10 1.91 -20.55 21.01
CA ASN C 10 3.19 -21.25 21.01
C ASN C 10 3.81 -21.18 22.36
N ASN C 11 4.45 -22.26 22.80
CA ASN C 11 5.18 -22.25 24.06
C ASN C 11 6.47 -21.38 23.94
N TRP C 12 7.07 -21.03 25.08
CA TRP C 12 8.22 -20.14 25.09
C TRP C 12 9.30 -20.62 24.14
N GLU C 13 9.61 -21.91 24.19
CA GLU C 13 10.63 -22.50 23.33
C GLU C 13 10.43 -22.13 21.91
N THR C 14 9.19 -22.27 21.44
CA THR C 14 8.87 -22.01 20.05
C THR C 14 8.93 -20.53 19.77
N ILE C 15 8.40 -19.72 20.67
CA ILE C 15 8.50 -18.28 20.52
C ILE C 15 9.96 -17.83 20.49
N GLU C 16 10.79 -18.38 21.37
CA GLU C 16 12.20 -18.05 21.37
C GLU C 16 12.84 -18.33 20.00
N ALA C 17 12.65 -19.54 19.51
CA ALA C 17 13.18 -19.93 18.21
C ALA C 17 12.63 -19.03 17.14
N TRP C 18 11.36 -18.67 17.28
CA TRP C 18 10.71 -17.79 16.32
C TRP C 18 11.38 -16.39 16.25
N THR C 19 11.77 -15.84 17.40
CA THR C 19 12.36 -14.50 17.43
C THR C 19 13.67 -14.47 16.67
N LYS C 20 14.37 -15.60 16.69
CA LYS C 20 15.62 -15.71 15.95
C LYS C 20 15.35 -15.91 14.50
N GLN C 21 14.39 -16.77 14.18
CA GLN C 21 14.13 -17.16 12.80
C GLN C 21 13.45 -16.05 12.00
N VAL C 22 12.59 -15.28 12.65
CA VAL C 22 11.93 -14.16 11.98
C VAL C 22 12.94 -13.04 11.71
N THR C 23 13.96 -12.95 12.55
CA THR C 23 15.02 -11.96 12.39
C THR C 23 15.94 -12.36 11.25
N SER C 24 16.28 -13.65 11.22
CA SER C 24 17.18 -14.20 10.22
C SER C 24 16.55 -14.15 8.83
N GLU C 25 15.23 -14.24 8.77
CA GLU C 25 14.53 -14.24 7.49
C GLU C 25 14.19 -12.83 7.01
N ASN C 26 14.35 -11.84 7.88
CA ASN C 26 14.09 -10.45 7.51
C ASN C 26 15.18 -9.51 8.03
N PRO C 27 16.44 -9.78 7.68
CA PRO C 27 17.60 -9.09 8.26
C PRO C 27 17.60 -7.57 8.06
N ASP C 28 16.90 -7.11 7.02
CA ASP C 28 16.92 -5.70 6.67
C ASP C 28 15.93 -4.90 7.44
N LEU C 29 14.97 -5.59 8.05
CA LEU C 29 13.88 -4.90 8.74
C LEU C 29 13.90 -5.18 10.23
N ILE C 30 14.60 -6.24 10.63
CA ILE C 30 14.57 -6.70 12.01
C ILE C 30 15.93 -6.98 12.57
N SER C 31 16.25 -6.32 13.68
CA SER C 31 17.38 -6.73 14.49
C SER C 31 16.89 -7.20 15.86
N ARG C 32 17.57 -8.19 16.42
CA ARG C 32 17.15 -8.72 17.70
C ARG C 32 18.21 -8.56 18.72
N THR C 33 17.81 -8.17 19.93
CA THR C 33 18.72 -8.03 21.05
C THR C 33 18.10 -8.60 22.30
N ALA C 34 18.91 -8.84 23.32
CA ALA C 34 18.40 -9.13 24.66
C ALA C 34 18.64 -7.91 25.56
N ILE C 35 17.65 -7.53 26.37
CA ILE C 35 17.81 -6.37 27.24
C ILE C 35 17.94 -6.76 28.70
N GLY C 36 18.07 -8.06 28.95
CA GLY C 36 18.27 -8.55 30.30
C GLY C 36 17.87 -10.01 30.42
N THR C 37 17.99 -10.56 31.63
CA THR C 37 17.56 -11.92 31.91
C THR C 37 16.48 -11.91 32.97
N THR C 38 15.60 -12.89 32.91
CA THR C 38 14.53 -13.01 33.89
C THR C 38 15.08 -13.58 35.19
N PHE C 39 14.22 -13.65 36.21
CA PHE C 39 14.59 -14.26 37.48
C PHE C 39 15.15 -15.64 37.28
N LEU C 40 14.59 -16.39 36.34
CA LEU C 40 15.03 -17.75 36.10
C LEU C 40 16.01 -17.83 34.94
N GLY C 41 16.53 -16.68 34.54
CA GLY C 41 17.66 -16.66 33.63
C GLY C 41 17.33 -16.79 32.17
N ASN C 42 16.06 -16.58 31.81
CA ASN C 42 15.68 -16.60 30.40
C ASN C 42 15.99 -15.26 29.74
N ASN C 43 16.14 -15.26 28.42
CA ASN C 43 16.55 -14.06 27.69
C ASN C 43 15.37 -13.22 27.33
N ILE C 44 15.43 -11.94 27.70
CA ILE C 44 14.35 -11.01 27.37
C ILE C 44 14.65 -10.35 26.04
N TYR C 45 14.11 -10.92 24.96
CA TYR C 45 14.38 -10.45 23.61
C TYR C 45 13.61 -9.21 23.27
N LEU C 46 14.26 -8.32 22.53
CA LEU C 46 13.60 -7.17 21.93
C LEU C 46 13.84 -7.18 20.44
N LEU C 47 12.79 -6.92 19.66
CA LEU C 47 12.93 -6.85 18.23
C LEU C 47 12.78 -5.41 17.75
N LYS C 48 13.73 -4.97 16.93
CA LYS C 48 13.70 -3.62 16.36
C LYS C 48 13.21 -3.70 14.93
N VAL C 49 11.96 -3.31 14.72
CA VAL C 49 11.32 -3.48 13.42
C VAL C 49 11.25 -2.16 12.68
N GLY C 50 11.88 -2.13 11.51
CA GLY C 50 11.88 -0.92 10.71
C GLY C 50 13.11 -0.87 9.81
N LYS C 51 13.06 -0.05 8.76
CA LYS C 51 14.23 0.14 7.92
C LYS C 51 15.20 1.05 8.62
N PRO C 52 16.44 0.59 8.81
CA PRO C 52 17.40 1.38 9.58
C PRO C 52 17.66 2.76 8.98
N GLY C 53 17.93 3.73 9.85
CA GLY C 53 18.19 5.08 9.40
C GLY C 53 18.54 6.02 10.53
N PRO C 54 19.04 7.22 10.21
CA PRO C 54 19.47 8.25 11.16
C PRO C 54 18.34 8.86 11.98
N ASN C 55 18.49 8.86 13.30
CA ASN C 55 17.58 9.59 14.19
C ASN C 55 16.12 9.33 13.91
N LYS C 56 15.77 8.06 13.74
CA LYS C 56 14.36 7.69 13.58
C LYS C 56 13.67 7.74 14.92
N PRO C 57 12.44 8.27 14.93
CA PRO C 57 11.58 8.17 16.11
C PRO C 57 11.09 6.73 16.27
N ALA C 58 10.49 6.42 17.41
CA ALA C 58 10.13 5.03 17.70
C ALA C 58 8.86 4.91 18.47
N ILE C 59 8.21 3.76 18.34
CA ILE C 59 7.09 3.37 19.18
C ILE C 59 7.44 2.09 19.87
N PHE C 60 7.17 2.05 21.18
CA PHE C 60 7.49 0.88 21.96
C PHE C 60 6.29 0.07 22.31
N MET C 61 6.34 -1.23 22.04
CA MET C 61 5.24 -2.12 22.38
C MET C 61 5.76 -3.38 23.04
N ASP C 62 5.17 -3.74 24.18
CA ASP C 62 5.47 -5.03 24.83
C ASP C 62 4.23 -5.90 24.96
N CYS C 63 4.44 -7.22 24.97
CA CYS C 63 3.38 -8.18 25.25
C CYS C 63 3.83 -9.11 26.37
N GLY C 64 2.87 -9.75 27.03
CA GLY C 64 3.21 -10.81 27.95
C GLY C 64 3.60 -10.33 29.34
N PHE C 65 3.09 -9.17 29.72
CA PHE C 65 3.26 -8.70 31.09
C PHE C 65 2.69 -9.70 32.00
N HIS C 66 1.52 -10.20 31.64
CA HIS C 66 0.83 -11.14 32.49
C HIS C 66 0.79 -12.53 31.85
N ALA C 67 1.22 -13.53 32.61
CA ALA C 67 1.51 -14.84 32.04
C ALA C 67 0.33 -15.46 31.32
N ARG C 68 -0.85 -15.38 31.95
CA ARG C 68 -2.01 -16.16 31.49
C ARG C 68 -2.77 -15.53 30.31
N GLU C 69 -2.34 -14.36 29.87
CA GLU C 69 -2.99 -13.66 28.77
C GLU C 69 -2.34 -13.95 27.45
N TRP C 70 -2.50 -15.20 27.02
CA TRP C 70 -1.78 -15.73 25.87
C TRP C 70 -2.07 -14.98 24.54
N ILE C 71 -3.27 -14.46 24.37
CA ILE C 71 -3.59 -13.70 23.16
C ILE C 71 -2.66 -12.48 23.06
N SER C 72 -2.15 -12.03 24.21
CA SER C 72 -1.21 -10.92 24.24
C SER C 72 0.09 -11.30 23.55
N HIS C 73 0.68 -12.40 23.99
CA HIS C 73 1.91 -12.91 23.39
C HIS C 73 1.69 -13.15 21.93
N ALA C 74 0.53 -13.70 21.59
CA ALA C 74 0.18 -14.02 20.22
C ALA C 74 0.17 -12.83 19.32
N PHE C 75 -0.29 -11.69 19.84
CA PHE C 75 -0.40 -10.49 19.02
C PHE C 75 0.92 -9.87 18.60
N CYS C 76 1.92 -9.88 19.49
CA CYS C 76 3.22 -9.30 19.17
C CYS C 76 3.86 -10.06 18.03
N GLN C 77 3.71 -11.38 18.02
CA GLN C 77 4.27 -12.20 16.95
C GLN C 77 3.55 -11.89 15.64
N TRP C 78 2.23 -11.80 15.71
CA TRP C 78 1.43 -11.47 14.55
C TRP C 78 1.85 -10.14 14.00
N PHE C 79 2.00 -9.17 14.90
CA PHE C 79 2.33 -7.81 14.51
C PHE C 79 3.63 -7.74 13.74
N VAL C 80 4.66 -8.43 14.23
CA VAL C 80 5.96 -8.41 13.57
C VAL C 80 5.84 -9.06 12.23
N ARG C 81 5.09 -10.15 12.20
CA ARG C 81 4.78 -10.83 10.94
C ARG C 81 4.15 -9.91 9.94
N GLU C 82 3.11 -9.18 10.37
CA GLU C 82 2.39 -8.30 9.46
C GLU C 82 3.27 -7.17 9.00
N ALA C 83 4.15 -6.71 9.89
CA ALA C 83 5.00 -5.56 9.60
C ALA C 83 5.96 -5.86 8.48
N VAL C 84 6.61 -7.02 8.57
CA VAL C 84 7.60 -7.37 7.56
C VAL C 84 6.92 -7.68 6.24
N LEU C 85 5.82 -8.42 6.29
CA LEU C 85 5.12 -8.83 5.08
C LEU C 85 4.61 -7.64 4.28
N THR C 86 3.89 -6.74 4.95
CA THR C 86 3.20 -5.64 4.27
C THR C 86 4.12 -4.50 3.95
N TYR C 87 5.37 -4.61 4.35
CA TYR C 87 6.36 -3.60 3.99
C TYR C 87 6.68 -3.70 2.50
N GLY C 88 6.31 -2.64 1.77
CA GLY C 88 6.57 -2.61 0.34
C GLY C 88 5.35 -3.07 -0.40
N TYR C 89 4.38 -3.55 0.36
CA TYR C 89 3.15 -4.09 -0.20
C TYR C 89 1.92 -3.42 0.42
N GLU C 90 2.14 -2.52 1.38
CA GLU C 90 1.05 -1.73 1.94
C GLU C 90 1.54 -0.32 2.20
N SER C 91 0.77 0.67 1.76
CA SER C 91 1.25 2.06 1.78
C SER C 91 1.55 2.59 3.17
N HIS C 92 0.72 2.25 4.14
CA HIS C 92 0.91 2.77 5.49
C HIS C 92 2.10 2.13 6.15
N MET C 93 2.16 0.81 6.11
CA MET C 93 3.23 0.08 6.77
C MET C 93 4.58 0.47 6.21
N THR C 94 4.64 0.61 4.88
CA THR C 94 5.87 1.03 4.21
C THR C 94 6.32 2.38 4.73
N GLU C 95 5.36 3.29 4.89
CA GLU C 95 5.66 4.61 5.45
C GLU C 95 5.99 4.50 6.92
N PHE C 96 5.41 3.52 7.60
CA PHE C 96 5.67 3.36 9.02
C PHE C 96 7.11 2.93 9.30
N LEU C 97 7.59 1.95 8.53
CA LEU C 97 8.91 1.37 8.79
C LEU C 97 10.04 2.20 8.28
N ASN C 98 9.78 3.02 7.27
CA ASN C 98 10.80 3.95 6.79
C ASN C 98 10.90 5.12 7.74
N LYS C 99 9.76 5.50 8.32
CA LYS C 99 9.68 6.68 9.17
C LYS C 99 10.12 6.42 10.62
N LEU C 100 9.61 5.37 11.22
CA LEU C 100 9.95 5.07 12.61
C LEU C 100 10.38 3.63 12.82
N ASP C 101 10.81 3.32 14.04
CA ASP C 101 11.10 1.94 14.44
C ASP C 101 10.10 1.47 15.45
N PHE C 102 9.76 0.18 15.37
CA PHE C 102 9.00 -0.46 16.42
C PHE C 102 9.88 -1.31 17.26
N TYR C 103 9.99 -0.98 18.54
CA TYR C 103 10.58 -1.91 19.49
C TYR C 103 9.49 -2.81 19.99
N VAL C 104 9.53 -4.06 19.57
CA VAL C 104 8.55 -5.04 19.99
C VAL C 104 9.17 -6.02 21.00
N LEU C 105 8.66 -6.00 22.22
CA LEU C 105 9.07 -6.96 23.24
C LEU C 105 8.01 -8.01 23.29
N PRO C 106 8.27 -9.17 22.68
CA PRO C 106 7.23 -10.19 22.52
C PRO C 106 6.74 -10.78 23.83
N VAL C 107 7.66 -11.11 24.74
CA VAL C 107 7.29 -11.64 26.04
C VAL C 107 8.12 -11.01 27.15
N LEU C 108 7.46 -10.34 28.08
CA LEU C 108 8.16 -9.72 29.20
C LEU C 108 8.26 -10.69 30.34
N ASN C 109 7.13 -11.20 30.79
CA ASN C 109 7.08 -12.14 31.91
C ASN C 109 7.29 -13.54 31.40
N ILE C 110 8.50 -13.82 30.95
CA ILE C 110 8.81 -15.11 30.36
C ILE C 110 8.67 -16.26 31.36
N ASP C 111 9.19 -16.07 32.57
CA ASP C 111 9.14 -17.12 33.58
C ASP C 111 7.70 -17.54 33.87
N GLY C 112 6.82 -16.55 34.05
CA GLY C 112 5.44 -16.86 34.34
C GLY C 112 4.74 -17.58 33.18
N TYR C 113 5.09 -17.18 31.96
CA TYR C 113 4.49 -17.77 30.77
C TYR C 113 4.77 -19.25 30.69
N ILE C 114 6.04 -19.61 30.88
CA ILE C 114 6.43 -21.01 30.92
C ILE C 114 5.59 -21.74 31.93
N TYR C 115 5.42 -21.11 33.09
CA TYR C 115 4.65 -21.73 34.17
C TYR C 115 3.19 -22.01 33.78
N THR C 116 2.59 -21.14 32.96
CA THR C 116 1.20 -21.34 32.54
C THR C 116 1.08 -22.52 31.62
N TRP C 117 2.20 -22.91 31.00
CA TRP C 117 2.25 -24.10 30.15
C TRP C 117 2.61 -25.35 30.94
N THR C 118 3.50 -25.22 31.92
CA THR C 118 4.03 -26.39 32.63
C THR C 118 3.30 -26.74 33.91
N LYS C 119 2.65 -25.78 34.53
CA LYS C 119 1.99 -26.03 35.82
C LYS C 119 0.60 -25.49 35.91
N ASN C 120 0.48 -24.17 35.85
CA ASN C 120 -0.76 -23.52 36.24
C ASN C 120 -1.16 -22.52 35.21
N ARG C 121 -2.19 -22.87 34.45
CA ARG C 121 -2.65 -22.06 33.33
C ARG C 121 -3.11 -20.67 33.74
N MET C 122 -3.43 -20.50 35.02
CA MET C 122 -3.99 -19.25 35.49
C MET C 122 -2.98 -18.34 36.23
N TRP C 123 -1.68 -18.57 36.01
CA TRP C 123 -0.67 -17.75 36.66
C TRP C 123 -0.59 -16.34 36.04
N ARG C 124 -0.38 -15.33 36.88
CA ARG C 124 -0.36 -13.95 36.43
C ARG C 124 1.04 -13.33 36.59
N LYS C 125 1.61 -13.47 37.79
CA LYS C 125 2.83 -12.75 38.16
C LYS C 125 4.13 -13.39 37.65
N THR C 126 5.26 -12.81 38.04
CA THR C 126 6.56 -13.41 37.75
C THR C 126 6.74 -14.65 38.65
N ARG C 127 7.91 -15.27 38.60
CA ARG C 127 8.16 -16.46 39.41
C ARG C 127 9.30 -16.27 40.41
N SER C 128 9.63 -15.02 40.70
CA SER C 128 10.67 -14.72 41.69
C SER C 128 10.18 -15.06 43.07
N THR C 129 11.11 -15.39 43.96
CA THR C 129 10.77 -15.78 45.33
C THR C 129 10.71 -14.58 46.25
N ASN C 130 10.01 -14.74 47.37
CA ASN C 130 9.90 -13.69 48.36
C ASN C 130 10.35 -14.19 49.72
N ALA C 131 11.18 -13.39 50.38
CA ALA C 131 11.73 -13.76 51.68
C ALA C 131 10.66 -13.92 52.72
N GLY C 132 10.81 -14.94 53.57
CA GLY C 132 9.94 -15.09 54.71
C GLY C 132 8.67 -15.86 54.38
N THR C 133 8.45 -16.14 53.10
CA THR C 133 7.22 -16.79 52.69
C THR C 133 7.37 -17.75 51.52
N THR C 134 6.43 -18.68 51.44
CA THR C 134 6.34 -19.61 50.32
C THR C 134 5.67 -19.00 49.04
N CYS C 135 5.01 -17.85 49.21
CA CYS C 135 4.33 -17.20 48.09
C CYS C 135 5.30 -16.66 47.05
N ILE C 136 5.00 -16.96 45.79
CA ILE C 136 5.89 -16.64 44.70
C ILE C 136 5.34 -15.53 43.87
N GLY C 137 6.20 -14.61 43.47
CA GLY C 137 5.88 -13.77 42.34
C GLY C 137 5.47 -12.34 42.65
N THR C 138 5.71 -11.47 41.69
CA THR C 138 5.34 -10.07 41.75
C THR C 138 4.54 -9.73 40.50
N ASP C 139 3.53 -8.88 40.64
CA ASP C 139 2.82 -8.38 39.46
C ASP C 139 3.66 -7.31 38.79
N PRO C 140 4.23 -7.62 37.61
CA PRO C 140 5.09 -6.66 36.90
C PRO C 140 4.41 -5.34 36.57
N ASN C 141 3.07 -5.34 36.51
CA ASN C 141 2.36 -4.10 36.23
C ASN C 141 1.86 -3.45 37.50
N ARG C 142 2.50 -3.79 38.62
CA ARG C 142 2.38 -3.02 39.86
C ARG C 142 3.80 -2.69 40.36
N ASN C 143 4.80 -3.05 39.56
CA ASN C 143 6.20 -2.99 39.98
C ASN C 143 6.94 -1.77 39.45
N PHE C 144 6.22 -0.88 38.78
CA PHE C 144 6.82 0.33 38.24
C PHE C 144 6.70 1.48 39.17
N ASP C 145 7.65 2.41 39.05
CA ASP C 145 7.69 3.58 39.93
C ASP C 145 6.74 4.67 39.43
N ALA C 146 5.44 4.38 39.53
CA ALA C 146 4.38 5.34 39.22
C ALA C 146 3.32 5.20 40.30
N GLY C 147 3.36 6.09 41.29
CA GLY C 147 2.49 5.93 42.44
C GLY C 147 2.66 4.55 43.05
N TRP C 148 3.91 4.09 43.11
CA TRP C 148 4.20 2.72 43.46
C TRP C 148 3.57 2.23 44.77
N CYS C 149 2.92 1.08 44.69
CA CYS C 149 2.21 0.46 45.80
C CYS C 149 1.28 1.34 46.59
N THR C 150 0.55 2.20 45.89
CA THR C 150 -0.61 2.84 46.49
C THR C 150 -1.86 1.98 46.15
N THR C 151 -3.04 2.59 46.15
CA THR C 151 -4.28 1.85 45.89
C THR C 151 -4.20 0.95 44.61
N GLY C 152 -4.87 -0.19 44.66
CA GLY C 152 -4.95 -1.06 43.50
C GLY C 152 -3.84 -2.10 43.45
N ALA C 153 -2.86 -1.96 44.34
CA ALA C 153 -1.78 -2.93 44.45
C ALA C 153 -1.71 -3.46 45.86
N SER C 154 -0.99 -4.56 46.06
CA SER C 154 -0.87 -5.15 47.39
C SER C 154 0.56 -5.13 47.94
N THR C 155 0.69 -5.06 49.26
CA THR C 155 1.98 -5.24 49.92
C THR C 155 2.16 -6.71 50.33
N ASP C 156 1.13 -7.52 50.16
CA ASP C 156 1.20 -8.94 50.50
C ASP C 156 1.71 -9.74 49.32
N PRO C 157 2.86 -10.41 49.48
CA PRO C 157 3.48 -11.16 48.39
C PRO C 157 2.64 -12.34 47.90
N CYS C 158 1.59 -12.66 48.65
CA CYS C 158 0.67 -13.74 48.29
C CYS C 158 -0.46 -13.29 47.39
N ASP C 159 -0.57 -12.00 47.14
CA ASP C 159 -1.64 -11.47 46.29
C ASP C 159 -1.15 -11.31 44.83
N GLU C 160 -2.04 -11.53 43.88
CA GLU C 160 -1.64 -11.50 42.46
C GLU C 160 -1.39 -10.07 41.98
N THR C 161 -1.61 -9.10 42.86
CA THR C 161 -1.30 -7.71 42.60
C THR C 161 -0.15 -7.20 43.51
N TYR C 162 0.60 -8.11 44.09
CA TYR C 162 1.76 -7.74 44.90
C TYR C 162 2.67 -6.79 44.13
N CYS C 163 3.02 -5.67 44.76
CA CYS C 163 3.78 -4.63 44.07
C CYS C 163 5.29 -4.88 44.06
N GLY C 164 5.72 -5.94 44.73
CA GLY C 164 7.14 -6.21 44.84
C GLY C 164 7.75 -5.54 46.06
N SER C 165 8.96 -5.95 46.42
CA SER C 165 9.65 -5.40 47.58
C SER C 165 9.96 -3.94 47.36
N ALA C 166 10.37 -3.60 46.14
CA ALA C 166 10.66 -2.22 45.77
C ALA C 166 10.25 -2.00 44.34
N ALA C 167 10.04 -0.75 43.97
CA ALA C 167 9.79 -0.45 42.56
C ALA C 167 10.96 -1.01 41.72
N GLU C 168 10.61 -1.74 40.66
CA GLU C 168 11.60 -2.35 39.78
C GLU C 168 12.45 -3.40 40.49
N SER C 169 11.91 -3.96 41.58
CA SER C 169 12.58 -5.06 42.27
C SER C 169 12.77 -6.27 41.36
N GLU C 170 11.92 -6.38 40.34
CA GLU C 170 11.98 -7.52 39.41
C GLU C 170 12.95 -7.25 38.31
N LYS C 171 13.71 -8.26 37.91
CA LYS C 171 14.71 -8.09 36.87
C LYS C 171 14.07 -7.68 35.55
N GLU C 172 12.87 -8.22 35.30
CA GLU C 172 12.21 -8.02 34.02
C GLU C 172 11.77 -6.59 33.83
N THR C 173 11.23 -6.00 34.89
CA THR C 173 10.74 -4.64 34.84
C THR C 173 11.88 -3.66 34.87
N LYS C 174 12.91 -3.96 35.66
CA LYS C 174 14.14 -3.17 35.67
C LYS C 174 14.74 -3.14 34.27
N ALA C 175 14.75 -4.30 33.62
CA ALA C 175 15.30 -4.40 32.27
C ALA C 175 14.52 -3.52 31.29
N LEU C 176 13.19 -3.53 31.41
CA LEU C 176 12.33 -2.76 30.51
C LEU C 176 12.45 -1.26 30.78
N ALA C 177 12.43 -0.91 32.07
CA ALA C 177 12.54 0.50 32.46
C ALA C 177 13.91 1.06 32.06
N ASP C 178 14.95 0.26 32.25
CA ASP C 178 16.31 0.68 31.88
C ASP C 178 16.41 0.97 30.41
N PHE C 179 15.78 0.16 29.58
CA PHE C 179 15.86 0.35 28.14
C PHE C 179 15.17 1.62 27.69
N ILE C 180 13.99 1.88 28.25
CA ILE C 180 13.19 3.02 27.82
C ILE C 180 13.81 4.35 28.28
N ARG C 181 14.45 4.33 29.45
CA ARG C 181 15.24 5.48 29.90
C ARG C 181 16.34 5.76 28.94
N ASN C 182 17.07 4.71 28.55
CA ASN C 182 18.22 4.85 27.68
C ASN C 182 17.83 5.19 26.26
N ASN C 183 16.52 5.26 26.00
CA ASN C 183 16.07 5.53 24.64
C ASN C 183 14.94 6.51 24.61
N LEU C 184 14.89 7.37 25.63
CA LEU C 184 13.78 8.29 25.80
C LEU C 184 13.66 9.27 24.64
N SER C 185 14.79 9.63 24.03
CA SER C 185 14.81 10.64 22.98
C SER C 185 14.02 10.18 21.74
N SER C 186 14.03 8.88 21.47
CA SER C 186 13.37 8.34 20.29
C SER C 186 11.91 7.91 20.54
N ILE C 187 11.68 7.20 21.63
CA ILE C 187 10.35 6.62 21.88
C ILE C 187 9.27 7.68 22.04
N LYS C 188 8.29 7.64 21.13
CA LYS C 188 7.25 8.66 21.10
C LYS C 188 5.93 8.10 21.55
N ALA C 189 5.83 6.79 21.57
CA ALA C 189 4.60 6.14 22.00
C ALA C 189 4.90 4.83 22.72
N TYR C 190 4.16 4.58 23.79
CA TYR C 190 4.27 3.33 24.52
C TYR C 190 2.95 2.58 24.47
N LEU C 191 3.02 1.32 24.05
CA LEU C 191 1.83 0.48 23.94
C LEU C 191 2.10 -0.86 24.63
N THR C 192 1.25 -1.20 25.59
CA THR C 192 1.42 -2.43 26.33
C THR C 192 0.19 -3.31 26.16
N ILE C 193 0.41 -4.56 25.74
CA ILE C 193 -0.68 -5.42 25.29
C ILE C 193 -1.10 -6.41 26.37
N HIS C 194 -2.38 -6.36 26.73
CA HIS C 194 -2.94 -7.23 27.77
C HIS C 194 -4.25 -7.93 27.29
N SER C 195 -4.85 -8.71 28.18
CA SER C 195 -6.22 -9.18 28.00
C SER C 195 -6.72 -9.59 29.38
N TYR C 196 -8.03 -9.75 29.54
CA TYR C 196 -9.04 -9.47 28.52
C TYR C 196 -9.97 -8.39 29.07
N SER C 197 -10.70 -7.71 28.19
CA SER C 197 -11.66 -6.69 28.61
C SER C 197 -12.21 -5.97 27.42
N GLN C 198 -11.42 -5.95 26.36
CA GLN C 198 -11.72 -5.14 25.19
C GLN C 198 -11.81 -3.66 25.56
N MET C 199 -10.66 -3.11 25.95
CA MET C 199 -10.55 -1.71 26.33
C MET C 199 -9.29 -1.09 25.75
N ILE C 200 -9.30 0.22 25.56
CA ILE C 200 -8.06 0.97 25.38
C ILE C 200 -7.91 1.93 26.52
N LEU C 201 -6.97 1.63 27.42
CA LEU C 201 -6.79 2.43 28.62
C LEU C 201 -5.59 3.34 28.50
N TYR C 202 -5.74 4.56 28.98
CA TYR C 202 -4.62 5.49 29.06
C TYR C 202 -4.57 6.12 30.46
N PRO C 203 -3.46 6.81 30.80
CA PRO C 203 -3.26 7.31 32.16
C PRO C 203 -4.38 8.28 32.59
N TYR C 204 -4.61 8.39 33.90
CA TYR C 204 -3.82 7.69 34.92
C TYR C 204 -4.61 6.59 35.60
N SER C 205 -3.88 5.63 36.18
CA SER C 205 -4.49 4.63 37.04
C SER C 205 -4.09 4.80 38.50
N TYR C 206 -2.84 5.21 38.74
CA TYR C 206 -2.36 5.29 40.12
C TYR C 206 -2.91 6.51 40.82
N ASP C 207 -3.70 7.29 40.09
CA ASP C 207 -4.39 8.44 40.64
C ASP C 207 -5.55 8.80 39.73
N TYR C 208 -6.56 9.48 40.28
CA TYR C 208 -7.73 9.88 39.52
C TYR C 208 -7.52 11.13 38.70
N LYS C 209 -6.38 11.80 38.91
CA LYS C 209 -6.05 12.98 38.11
C LYS C 209 -6.03 12.59 36.66
N LEU C 210 -6.16 13.59 35.78
CA LEU C 210 -6.17 13.35 34.36
C LEU C 210 -4.91 13.84 33.74
N PRO C 211 -4.46 13.17 32.66
CA PRO C 211 -3.28 13.62 31.91
C PRO C 211 -3.55 14.97 31.26
N GLU C 212 -2.51 15.79 31.11
CA GLU C 212 -2.68 17.13 30.55
C GLU C 212 -3.27 17.09 29.15
N ASN C 213 -3.00 16.02 28.42
CA ASN C 213 -3.59 15.87 27.09
C ASN C 213 -4.72 14.84 27.08
N ASN C 214 -5.52 14.85 28.16
CA ASN C 214 -6.65 13.94 28.30
C ASN C 214 -7.64 14.07 27.12
N ALA C 215 -7.85 15.28 26.65
CA ALA C 215 -8.79 15.50 25.56
C ALA C 215 -8.32 14.82 24.33
N GLU C 216 -7.04 15.00 24.03
CA GLU C 216 -6.42 14.39 22.86
C GLU C 216 -6.46 12.89 22.92
N LEU C 217 -5.89 12.34 23.99
CA LEU C 217 -5.82 10.90 24.19
C LEU C 217 -7.17 10.26 24.11
N ASN C 218 -8.15 10.86 24.77
CA ASN C 218 -9.49 10.31 24.73
C ASN C 218 -10.03 10.26 23.32
N ASN C 219 -9.77 11.31 22.54
CA ASN C 219 -10.26 11.37 21.16
C ASN C 219 -9.59 10.33 20.34
N LEU C 220 -8.31 10.13 20.62
CA LEU C 220 -7.51 9.17 19.89
C LEU C 220 -7.98 7.73 20.13
N ALA C 221 -8.20 7.38 21.39
CA ALA C 221 -8.69 6.06 21.75
C ALA C 221 -10.04 5.80 21.10
N LYS C 222 -10.86 6.83 21.07
CA LYS C 222 -12.20 6.75 20.48
C LYS C 222 -12.12 6.40 19.02
N ALA C 223 -11.25 7.09 18.29
CA ALA C 223 -11.09 6.85 16.87
C ALA C 223 -10.49 5.48 16.61
N ALA C 224 -9.57 5.07 17.47
CA ALA C 224 -8.92 3.76 17.31
C ALA C 224 -9.89 2.65 17.63
N VAL C 225 -10.76 2.88 18.60
CA VAL C 225 -11.82 1.93 18.92
C VAL C 225 -12.80 1.77 17.73
N LYS C 226 -13.05 2.87 17.03
CA LYS C 226 -13.91 2.83 15.86
C LYS C 226 -13.24 2.03 14.69
N GLU C 227 -11.98 2.31 14.43
CA GLU C 227 -11.24 1.58 13.40
C GLU C 227 -11.29 0.10 13.63
N LEU C 228 -11.04 -0.33 14.87
CA LEU C 228 -10.97 -1.74 15.20
C LEU C 228 -12.32 -2.43 14.92
N ALA C 229 -13.39 -1.72 15.23
CA ALA C 229 -14.73 -2.29 15.15
C ALA C 229 -15.14 -2.59 13.70
N THR C 230 -14.48 -1.95 12.74
CA THR C 230 -14.92 -2.01 11.36
C THR C 230 -14.88 -3.43 10.82
N LEU C 231 -13.90 -4.22 11.25
CA LEU C 231 -13.74 -5.58 10.74
C LEU C 231 -14.85 -6.51 11.15
N TYR C 232 -15.06 -6.68 12.45
CA TYR C 232 -15.94 -7.73 12.96
C TYR C 232 -16.95 -7.21 13.92
N GLY C 233 -16.97 -5.89 14.11
CA GLY C 233 -17.95 -5.28 14.97
C GLY C 233 -17.61 -5.36 16.45
N THR C 234 -16.38 -5.78 16.75
CA THR C 234 -15.96 -5.98 18.14
C THR C 234 -15.97 -4.66 18.88
N LYS C 235 -16.64 -4.63 20.03
CA LYS C 235 -16.84 -3.40 20.77
C LYS C 235 -15.84 -3.20 21.89
N TYR C 236 -15.18 -2.05 21.88
CA TYR C 236 -14.21 -1.69 22.91
C TYR C 236 -14.67 -0.46 23.65
N THR C 237 -14.40 -0.44 24.95
CA THR C 237 -14.53 0.79 25.73
C THR C 237 -13.15 1.43 25.90
N TYR C 238 -13.13 2.66 26.40
CA TYR C 238 -11.90 3.43 26.46
C TYR C 238 -12.02 4.59 27.46
N GLY C 239 -10.87 5.13 27.86
CA GLY C 239 -10.84 6.17 28.88
C GLY C 239 -9.70 5.97 29.88
N PRO C 240 -9.53 6.91 30.82
CA PRO C 240 -8.46 6.83 31.82
C PRO C 240 -8.56 5.56 32.67
N GLY C 241 -7.41 4.95 32.94
CA GLY C 241 -7.40 3.66 33.63
C GLY C 241 -8.20 3.64 34.91
N ALA C 242 -8.07 4.70 35.71
CA ALA C 242 -8.64 4.72 37.06
C ALA C 242 -10.16 4.56 37.06
N THR C 243 -10.84 5.27 36.16
CA THR C 243 -12.30 5.31 36.13
C THR C 243 -12.88 4.33 35.12
N THR C 244 -12.03 3.76 34.28
CA THR C 244 -12.48 2.91 33.19
C THR C 244 -12.42 1.43 33.54
N ILE C 245 -11.48 1.06 34.41
CA ILE C 245 -11.43 -0.30 34.91
C ILE C 245 -11.27 -0.31 36.45
N TYR C 246 -10.17 0.25 36.95
CA TYR C 246 -10.00 0.45 38.39
C TYR C 246 -8.76 1.18 38.74
N PRO C 247 -8.73 1.79 39.93
CA PRO C 247 -7.51 2.39 40.46
C PRO C 247 -6.42 1.33 40.62
N ALA C 248 -5.25 1.58 40.05
CA ALA C 248 -4.13 0.65 40.21
C ALA C 248 -2.80 1.36 40.07
N ALA C 249 -1.90 1.08 41.00
CA ALA C 249 -0.62 1.78 41.07
C ALA C 249 0.49 0.99 40.41
N GLY C 250 1.55 1.69 39.98
CA GLY C 250 2.76 1.02 39.57
C GLY C 250 2.68 0.37 38.20
N GLY C 251 1.76 0.87 37.37
CA GLY C 251 1.65 0.35 36.03
C GLY C 251 2.65 0.98 35.08
N SER C 252 3.05 0.24 34.05
CA SER C 252 4.07 0.70 33.12
C SER C 252 3.56 1.78 32.13
N ASP C 253 2.27 1.79 31.86
CA ASP C 253 1.71 2.82 30.99
C ASP C 253 1.77 4.20 31.66
N ASP C 254 1.36 4.27 32.92
CA ASP C 254 1.48 5.50 33.70
C ASP C 254 2.96 5.92 33.87
N TRP C 255 3.84 4.95 34.12
CA TRP C 255 5.26 5.26 34.27
C TRP C 255 5.85 5.81 33.00
N ALA C 256 5.60 5.15 31.88
CA ALA C 256 6.10 5.62 30.58
C ALA C 256 5.63 7.08 30.29
N TYR C 257 4.36 7.37 30.60
CA TYR C 257 3.81 8.71 30.41
C TYR C 257 4.56 9.74 31.27
N ASP C 258 4.81 9.39 32.52
CA ASP C 258 5.51 10.30 33.43
C ASP C 258 6.97 10.46 33.07
N GLN C 259 7.44 9.63 32.15
CA GLN C 259 8.76 9.83 31.56
C GLN C 259 8.69 10.84 30.40
N GLY C 260 7.48 11.31 30.11
CA GLY C 260 7.30 12.25 29.02
C GLY C 260 6.71 11.62 27.76
N ILE C 261 6.49 10.30 27.79
CA ILE C 261 5.94 9.61 26.64
C ILE C 261 4.50 9.92 26.56
N LYS C 262 4.17 10.87 25.67
CA LYS C 262 2.86 11.50 25.68
C LYS C 262 1.76 10.57 25.23
N TYR C 263 2.08 9.64 24.36
CA TYR C 263 1.10 8.66 23.93
C TYR C 263 1.38 7.28 24.53
N SER C 264 0.50 6.86 25.43
CA SER C 264 0.74 5.67 26.24
C SER C 264 -0.57 4.93 26.49
N PHE C 265 -0.70 3.73 25.91
CA PHE C 265 -1.95 2.98 26.06
C PHE C 265 -1.74 1.57 26.49
N THR C 266 -2.58 1.12 27.41
CA THR C 266 -2.76 -0.29 27.66
C THR C 266 -3.89 -0.84 26.78
N PHE C 267 -3.60 -1.88 26.01
CA PHE C 267 -4.64 -2.57 25.26
C PHE C 267 -5.09 -3.84 25.97
N GLU C 268 -6.39 -3.91 26.24
CA GLU C 268 -7.02 -5.14 26.73
C GLU C 268 -7.83 -5.77 25.60
N LEU C 269 -7.39 -6.92 25.11
CA LEU C 269 -8.01 -7.54 23.94
C LEU C 269 -9.19 -8.44 24.30
N ARG C 270 -9.61 -9.26 23.34
CA ARG C 270 -10.71 -10.20 23.53
C ARG C 270 -10.44 -11.16 24.68
N ASP C 271 -11.50 -11.66 25.28
CA ASP C 271 -12.84 -11.18 24.98
C ASP C 271 -13.35 -10.38 26.15
N LYS C 272 -14.56 -10.71 26.61
CA LYS C 272 -15.17 -9.96 27.70
C LYS C 272 -15.62 -10.87 28.83
N GLY C 273 -15.33 -12.15 28.69
CA GLY C 273 -15.52 -13.07 29.81
C GLY C 273 -16.05 -14.43 29.42
N ARG C 274 -16.50 -14.58 28.18
CA ARG C 274 -17.04 -15.86 27.75
C ARG C 274 -15.98 -16.94 27.81
N TYR C 275 -14.81 -16.61 27.28
CA TYR C 275 -13.64 -17.48 27.38
C TYR C 275 -12.54 -16.85 28.24
N GLY C 276 -12.59 -15.53 28.39
CA GLY C 276 -11.61 -14.85 29.23
C GLY C 276 -10.18 -15.03 28.77
N PHE C 277 -9.33 -15.52 29.67
CA PHE C 277 -7.93 -15.75 29.35
C PHE C 277 -7.74 -16.87 28.37
N ILE C 278 -8.64 -17.85 28.42
CA ILE C 278 -8.52 -19.05 27.59
C ILE C 278 -9.22 -18.86 26.23
N LEU C 279 -8.96 -17.73 25.58
CA LEU C 279 -9.53 -17.46 24.27
C LEU C 279 -9.13 -18.57 23.31
N PRO C 280 -10.10 -19.13 22.57
CA PRO C 280 -9.75 -20.23 21.66
C PRO C 280 -8.83 -19.80 20.52
N GLU C 281 -8.02 -20.74 20.05
CA GLU C 281 -7.03 -20.44 19.02
C GLU C 281 -7.71 -19.98 17.75
N SER C 282 -8.94 -20.47 17.53
CA SER C 282 -9.71 -20.10 16.35
C SER C 282 -10.19 -18.64 16.39
N GLN C 283 -9.85 -17.92 17.45
CA GLN C 283 -10.10 -16.48 17.48
C GLN C 283 -8.82 -15.64 17.35
N ILE C 284 -7.67 -16.30 17.31
CA ILE C 284 -6.40 -15.58 17.30
C ILE C 284 -6.30 -14.65 16.14
N GLN C 285 -6.49 -15.18 14.93
CA GLN C 285 -6.28 -14.41 13.71
C GLN C 285 -7.18 -13.17 13.63
N ALA C 286 -8.47 -13.34 13.90
CA ALA C 286 -9.41 -12.21 13.85
C ALA C 286 -9.10 -11.15 14.92
N THR C 287 -8.72 -11.61 16.10
CA THR C 287 -8.34 -10.70 17.18
C THR C 287 -7.15 -9.86 16.76
N CYS C 288 -6.14 -10.51 16.18
CA CYS C 288 -4.95 -9.80 15.74
C CYS C 288 -5.24 -8.87 14.57
N GLU C 289 -6.00 -9.35 13.59
CA GLU C 289 -6.42 -8.50 12.47
C GLU C 289 -7.08 -7.19 12.93
N GLU C 290 -8.03 -7.29 13.86
CA GLU C 290 -8.76 -6.09 14.28
C GLU C 290 -7.91 -5.20 15.17
N THR C 291 -7.09 -5.83 16.00
CA THR C 291 -6.19 -5.10 16.89
C THR C 291 -5.20 -4.31 16.10
N MET C 292 -4.70 -4.90 15.02
CA MET C 292 -3.76 -4.22 14.14
C MET C 292 -4.27 -2.89 13.65
N LEU C 293 -5.56 -2.84 13.32
CA LEU C 293 -6.13 -1.62 12.75
C LEU C 293 -6.07 -0.51 13.75
N ALA C 294 -6.33 -0.83 15.01
CA ALA C 294 -6.23 0.17 16.08
C ALA C 294 -4.76 0.58 16.30
N ILE C 295 -3.86 -0.39 16.30
CA ILE C 295 -2.45 -0.10 16.50
C ILE C 295 -1.94 0.81 15.39
N LYS C 296 -2.32 0.50 14.15
CA LYS C 296 -1.86 1.28 13.01
C LYS C 296 -2.43 2.67 13.05
N TYR C 297 -3.68 2.78 13.50
CA TYR C 297 -4.32 4.08 13.60
C TYR C 297 -3.52 4.93 14.53
N VAL C 298 -3.24 4.38 15.72
CA VAL C 298 -2.45 5.06 16.73
C VAL C 298 -1.06 5.42 16.21
N THR C 299 -0.44 4.49 15.49
CA THR C 299 0.88 4.71 14.91
C THR C 299 0.83 5.88 13.96
N ASN C 300 -0.16 5.86 13.07
CA ASN C 300 -0.33 6.89 12.07
C ASN C 300 -0.51 8.21 12.73
N TYR C 301 -1.39 8.25 13.73
CA TYR C 301 -1.67 9.51 14.42
C TYR C 301 -0.40 10.06 15.04
N VAL C 302 0.37 9.18 15.66
CA VAL C 302 1.62 9.58 16.28
C VAL C 302 2.56 10.10 15.24
N LEU C 303 2.62 9.38 14.13
CA LEU C 303 3.53 9.74 13.05
C LEU C 303 3.24 11.15 12.56
N GLY C 304 1.97 11.54 12.63
CA GLY C 304 1.56 12.83 12.12
C GLY C 304 1.58 13.94 13.16
N HIS C 305 2.04 13.60 14.36
CA HIS C 305 2.14 14.57 15.43
C HIS C 305 3.54 14.64 15.97
N LEU C 306 4.51 14.39 15.10
CA LEU C 306 5.91 14.57 15.42
C LEU C 306 6.41 15.89 14.85
N PHE D 6 3.55 -5.10 -19.01
CA PHE D 6 3.40 -4.73 -17.63
C PHE D 6 3.69 -5.87 -16.69
N PHE E 6 -11.99 34.27 -18.50
CA PHE E 6 -11.67 33.42 -19.64
C PHE E 6 -11.41 31.99 -19.24
N PHE F 6 -12.39 -8.88 37.75
CA PHE F 6 -12.95 -7.71 37.06
C PHE F 6 -12.80 -7.80 35.54
#